data_2HX1
#
_entry.id   2HX1
#
_cell.length_a   65.624
_cell.length_b   119.462
_cell.length_c   151.274
_cell.angle_alpha   90.000
_cell.angle_beta   90.000
_cell.angle_gamma   90.000
#
_symmetry.space_group_name_H-M   'P 21 21 21'
#
loop_
_entity.id
_entity.type
_entity.pdbx_description
1 polymer 'Predicted sugar phosphatases of the HAD superfamily'
2 non-polymer 'MAGNESIUM ION'
3 non-polymer 'CHLORIDE ION'
4 non-polymer '4-(2-HYDROXYETHYL)-1-PIPERAZINE ETHANESULFONIC ACID'
5 non-polymer 1,2-ETHANEDIOL
6 water water
#
_entity_poly.entity_id   1
_entity_poly.type   'polypeptide(L)'
_entity_poly.pdbx_seq_one_letter_code
;G(MSE)QIESFKSLLPKYKCIFFDAFGVLKTYNGLLPGIENTFDYLKAQGQDYYIVTNDASRSPEQLADSYHKLGLFSIT
ADKIISSG(MSE)ITKEYIDLKVDGGIVAYLGTANSANYLVSDGIK(MSE)LPVSAIDDSNIGEVNALVLLDDEGFNWFH
DLNKTVNLLRKRTIPAIVANTDNTYPLTKTDVAIAIGGVAT(MSE)IESILGRRFIRFGKPDSQ(MSE)F(MSE)FAYD
(MSE)LRQK(MSE)EISKREIL(MSE)VGDTLHTDILGGNKFGLDTALVLTGNTRIDDAETKIKSTGIVPTHICESAVIE
L
;
_entity_poly.pdbx_strand_id   A,B,C,D
#
loop_
_chem_comp.id
_chem_comp.type
_chem_comp.name
_chem_comp.formula
CL non-polymer 'CHLORIDE ION' 'Cl -1'
EDO non-polymer 1,2-ETHANEDIOL 'C2 H6 O2'
EPE non-polymer '4-(2-HYDROXYETHYL)-1-PIPERAZINE ETHANESULFONIC ACID' 'C8 H18 N2 O4 S'
MG non-polymer 'MAGNESIUM ION' 'Mg 2'
#
# COMPACT_ATOMS: atom_id res chain seq x y z
N GLY A 1 10.04 28.01 -8.43
CA GLY A 1 9.13 29.17 -8.57
C GLY A 1 8.00 28.88 -9.52
N MSE A 2 6.81 29.42 -9.25
CA MSE A 2 5.67 29.20 -10.11
C MSE A 2 5.37 30.47 -10.88
O MSE A 2 5.36 31.56 -10.30
CB MSE A 2 4.44 28.87 -9.30
CG MSE A 2 4.56 27.61 -8.54
SE MSE A 2 2.92 27.37 -7.52
CE MSE A 2 3.11 28.66 -6.07
N GLN A 3 5.11 30.29 -12.18
CA GLN A 3 4.57 31.35 -13.01
C GLN A 3 3.07 31.22 -12.91
N ILE A 4 2.41 32.22 -12.31
CA ILE A 4 0.96 32.25 -12.22
C ILE A 4 0.45 33.11 -13.36
N GLU A 5 -0.52 32.58 -14.11
CA GLU A 5 -1.06 33.21 -15.30
C GLU A 5 -2.54 33.48 -15.08
N SER A 6 -3.07 34.55 -15.68
CA SER A 6 -4.51 34.79 -15.57
C SER A 6 -5.25 33.82 -16.47
N PHE A 7 -6.35 33.28 -15.95
CA PHE A 7 -7.12 32.33 -16.72
C PHE A 7 -7.59 32.97 -18.02
N LYS A 8 -8.11 34.20 -17.95
CA LYS A 8 -8.49 34.94 -19.16
C LYS A 8 -7.42 34.89 -20.24
N SER A 9 -6.17 35.14 -19.82
CA SER A 9 -5.06 35.24 -20.77
C SER A 9 -4.75 33.92 -21.54
N LEU A 10 -5.17 32.79 -20.99
CA LEU A 10 -4.95 31.49 -21.65
C LEU A 10 -6.01 31.20 -22.70
N LEU A 11 -7.21 31.74 -22.54
CA LEU A 11 -8.36 31.26 -23.30
C LEU A 11 -8.24 31.32 -24.83
N PRO A 12 -7.55 32.33 -25.39
CA PRO A 12 -7.33 32.41 -26.83
C PRO A 12 -6.56 31.27 -27.47
N LYS A 13 -5.79 30.51 -26.69
CA LYS A 13 -5.03 29.40 -27.25
C LYS A 13 -5.90 28.20 -27.59
N TYR A 14 -7.16 28.22 -27.15
CA TYR A 14 -7.95 26.98 -27.06
C TYR A 14 -9.28 27.05 -27.76
N LYS A 15 -9.67 25.92 -28.36
CA LYS A 15 -10.94 25.77 -29.04
C LYS A 15 -12.04 25.22 -28.12
N CYS A 16 -11.66 24.51 -27.05
CA CYS A 16 -12.64 24.07 -26.05
C CYS A 16 -12.01 23.98 -24.68
N ILE A 17 -12.79 24.31 -23.65
CA ILE A 17 -12.37 24.16 -22.27
C ILE A 17 -13.09 22.95 -21.67
N PHE A 18 -12.36 22.11 -20.96
CA PHE A 18 -12.94 21.11 -20.07
C PHE A 18 -12.75 21.58 -18.62
N PHE A 19 -13.87 21.74 -17.90
CA PHE A 19 -13.86 22.18 -16.52
C PHE A 19 -14.18 21.00 -15.58
N ASP A 20 -13.31 20.71 -14.62
CA ASP A 20 -13.70 20.00 -13.42
C ASP A 20 -14.68 20.92 -12.66
N ALA A 21 -15.60 20.36 -11.86
CA ALA A 21 -16.61 21.19 -11.17
C ALA A 21 -16.13 21.54 -9.77
N PHE A 22 -16.04 20.57 -8.87
CA PHE A 22 -15.69 20.87 -7.48
C PHE A 22 -14.23 21.31 -7.32
N GLY A 23 -14.05 22.43 -6.63
CA GLY A 23 -12.76 23.06 -6.43
C GLY A 23 -12.37 24.05 -7.50
N VAL A 24 -13.21 24.16 -8.51
CA VAL A 24 -12.95 24.96 -9.71
C VAL A 24 -14.13 25.91 -9.99
N LEU A 25 -15.34 25.36 -10.10
CA LEU A 25 -16.53 26.16 -10.39
C LEU A 25 -17.35 26.40 -9.13
N LYS A 26 -17.24 25.49 -8.17
CA LYS A 26 -18.03 25.56 -6.95
C LYS A 26 -17.31 24.81 -5.83
N THR A 27 -17.75 25.08 -4.59
CA THR A 27 -17.15 24.53 -3.38
C THR A 27 -18.26 24.17 -2.40
N TYR A 28 -17.90 23.88 -1.15
CA TYR A 28 -18.90 23.47 -0.14
C TYR A 28 -20.06 24.46 0.01
N ASN A 29 -19.76 25.75 -0.08
CA ASN A 29 -20.80 26.76 0.09
C ASN A 29 -21.30 27.35 -1.24
N GLY A 30 -21.36 26.53 -2.30
CA GLY A 30 -21.93 26.94 -3.57
C GLY A 30 -20.93 27.42 -4.62
N LEU A 31 -21.44 28.14 -5.60
CA LEU A 31 -20.62 28.66 -6.71
C LEU A 31 -19.50 29.56 -6.22
N LEU A 32 -18.33 29.48 -6.86
CA LEU A 32 -17.26 30.43 -6.60
C LEU A 32 -17.72 31.81 -7.01
N PRO A 33 -17.57 32.81 -6.14
CA PRO A 33 -18.16 34.11 -6.52
C PRO A 33 -17.58 34.64 -7.81
N GLY A 34 -18.44 35.03 -8.74
CA GLY A 34 -18.01 35.58 -10.03
C GLY A 34 -17.93 34.58 -11.17
N ILE A 35 -18.04 33.29 -10.89
CA ILE A 35 -17.85 32.28 -11.92
C ILE A 35 -18.81 32.47 -13.08
N GLU A 36 -19.99 33.03 -12.79
CA GLU A 36 -20.94 33.45 -13.85
C GLU A 36 -20.27 34.24 -14.99
N ASN A 37 -19.37 35.14 -14.64
CA ASN A 37 -18.69 35.93 -15.69
C ASN A 37 -17.83 35.05 -16.62
N THR A 38 -17.22 34.01 -16.07
CA THR A 38 -16.47 33.08 -16.92
C THR A 38 -17.35 32.52 -18.01
N PHE A 39 -18.57 32.15 -17.65
CA PHE A 39 -19.48 31.54 -18.62
C PHE A 39 -20.07 32.56 -19.59
N ASP A 40 -20.42 33.73 -19.08
CA ASP A 40 -20.75 34.86 -19.93
C ASP A 40 -19.60 35.12 -20.94
N TYR A 41 -18.36 35.12 -20.44
CA TYR A 41 -17.23 35.40 -21.31
C TYR A 41 -17.13 34.40 -22.44
N LEU A 42 -17.18 33.11 -22.11
CA LEU A 42 -16.98 32.09 -23.15
C LEU A 42 -18.08 32.19 -24.22
N LYS A 43 -19.32 32.44 -23.79
CA LYS A 43 -20.42 32.64 -24.74
C LYS A 43 -20.10 33.82 -25.68
N ALA A 44 -19.92 35.00 -25.10
CA ALA A 44 -19.57 36.19 -25.89
C ALA A 44 -18.37 35.94 -26.83
N GLN A 45 -17.44 35.06 -26.46
CA GLN A 45 -16.32 34.75 -27.35
C GLN A 45 -16.63 33.57 -28.27
N GLY A 46 -17.84 33.02 -28.19
CA GLY A 46 -18.17 31.79 -28.93
C GLY A 46 -17.20 30.62 -28.69
N GLN A 47 -16.78 30.42 -27.44
CA GLN A 47 -15.88 29.31 -27.13
C GLN A 47 -16.64 28.19 -26.45
N ASP A 48 -16.44 27.00 -26.98
CA ASP A 48 -17.06 25.80 -26.44
C ASP A 48 -16.48 25.41 -25.09
N TYR A 49 -17.28 24.71 -24.31
CA TYR A 49 -16.79 24.14 -23.07
C TYR A 49 -17.64 22.92 -22.71
N TYR A 50 -17.07 22.05 -21.89
CA TYR A 50 -17.80 20.97 -21.22
C TYR A 50 -17.39 20.97 -19.78
N ILE A 51 -18.25 20.41 -18.94
CA ILE A 51 -17.91 20.05 -17.58
C ILE A 51 -17.65 18.55 -17.59
N VAL A 52 -16.50 18.13 -17.08
CA VAL A 52 -16.08 16.74 -17.07
C VAL A 52 -15.86 16.43 -15.57
N THR A 53 -16.73 15.59 -15.03
CA THR A 53 -16.84 15.40 -13.62
C THR A 53 -16.93 13.92 -13.29
N ASN A 54 -16.28 13.55 -12.18
CA ASN A 54 -16.38 12.20 -11.61
C ASN A 54 -17.59 12.05 -10.65
N ASP A 55 -18.50 13.02 -10.65
CA ASP A 55 -19.73 12.91 -9.86
C ASP A 55 -20.77 12.05 -10.61
N ALA A 56 -20.98 10.80 -10.16
CA ALA A 56 -22.00 9.88 -10.71
C ALA A 56 -23.19 9.68 -9.74
N SER A 57 -23.44 10.67 -8.88
CA SER A 57 -24.52 10.57 -7.87
C SER A 57 -25.87 11.07 -8.40
N ARG A 58 -25.89 11.64 -9.61
CA ARG A 58 -27.07 12.19 -10.27
CA ARG A 58 -27.11 12.11 -10.27
C ARG A 58 -26.89 12.04 -11.78
N SER A 59 -27.98 12.15 -12.53
CA SER A 59 -27.92 12.23 -13.99
C SER A 59 -27.36 13.57 -14.43
N PRO A 60 -26.86 13.67 -15.67
CA PRO A 60 -26.42 14.97 -16.21
C PRO A 60 -27.51 16.05 -16.15
N GLU A 61 -28.75 15.66 -16.40
CA GLU A 61 -29.93 16.54 -16.32
C GLU A 61 -30.10 17.13 -14.92
N GLN A 62 -29.93 16.30 -13.89
CA GLN A 62 -29.99 16.73 -12.48
C GLN A 62 -28.78 17.52 -12.08
N LEU A 63 -27.60 17.15 -12.58
CA LEU A 63 -26.39 17.93 -12.36
C LEU A 63 -26.55 19.35 -12.94
N ALA A 64 -27.14 19.44 -14.14
CA ALA A 64 -27.42 20.75 -14.76
C ALA A 64 -28.47 21.54 -13.97
N ASP A 65 -29.49 20.85 -13.47
CA ASP A 65 -30.54 21.49 -12.66
CA ASP A 65 -30.54 21.48 -12.67
C ASP A 65 -29.95 22.12 -11.42
N SER A 66 -28.95 21.49 -10.82
CA SER A 66 -28.25 22.07 -9.68
C SER A 66 -27.61 23.40 -9.99
N TYR A 67 -26.99 23.53 -11.18
CA TYR A 67 -26.42 24.81 -11.61
C TYR A 67 -27.51 25.83 -11.87
N HIS A 68 -28.61 25.41 -12.49
CA HIS A 68 -29.76 26.30 -12.70
C HIS A 68 -30.28 26.87 -11.39
N LYS A 69 -30.45 26.02 -10.38
CA LYS A 69 -30.89 26.47 -9.06
C LYS A 69 -29.96 27.52 -8.53
N LEU A 70 -28.66 27.34 -8.72
CA LEU A 70 -27.64 28.29 -8.27
C LEU A 70 -27.51 29.53 -9.18
N GLY A 71 -28.29 29.56 -10.25
CA GLY A 71 -28.38 30.74 -11.09
C GLY A 71 -27.53 30.66 -12.35
N LEU A 72 -26.75 29.59 -12.50
CA LEU A 72 -25.94 29.41 -13.70
C LEU A 72 -26.78 28.72 -14.77
N PHE A 73 -27.53 29.50 -15.53
CA PHE A 73 -28.50 28.95 -16.47
C PHE A 73 -27.91 28.46 -17.77
N SER A 74 -26.72 28.93 -18.12
CA SER A 74 -26.14 28.54 -19.39
C SER A 74 -25.60 27.11 -19.41
N ILE A 75 -25.36 26.52 -18.24
CA ILE A 75 -24.92 25.12 -18.18
C ILE A 75 -26.11 24.22 -18.49
N THR A 76 -26.04 23.54 -19.63
CA THR A 76 -27.08 22.61 -20.06
C THR A 76 -26.57 21.18 -19.87
N ALA A 77 -27.50 20.22 -19.83
CA ALA A 77 -27.16 18.82 -19.57
C ALA A 77 -26.25 18.27 -20.66
N ASP A 78 -26.36 18.78 -21.88
CA ASP A 78 -25.47 18.34 -22.98
C ASP A 78 -24.01 18.75 -22.76
N LYS A 79 -23.77 19.70 -21.86
CA LYS A 79 -22.41 20.17 -21.62
C LYS A 79 -21.76 19.42 -20.46
N ILE A 80 -22.53 18.57 -19.77
CA ILE A 80 -22.04 17.82 -18.62
C ILE A 80 -21.72 16.37 -18.98
N ILE A 81 -20.43 16.07 -18.96
CA ILE A 81 -19.96 14.72 -19.19
CA ILE A 81 -19.95 14.72 -19.19
C ILE A 81 -19.53 14.15 -17.84
N SER A 82 -20.20 13.09 -17.41
CA SER A 82 -20.05 12.59 -16.07
C SER A 82 -19.67 11.13 -16.10
N SER A 83 -18.95 10.67 -15.07
CA SER A 83 -18.51 9.28 -15.05
C SER A 83 -19.71 8.33 -14.85
N GLY A 84 -20.82 8.85 -14.33
CA GLY A 84 -22.04 8.06 -14.26
C GLY A 84 -22.52 7.54 -15.61
N MSE A 85 -22.19 8.27 -16.67
CA MSE A 85 -22.54 7.82 -18.01
CA MSE A 85 -22.53 7.84 -18.03
C MSE A 85 -21.78 6.55 -18.39
O MSE A 85 -22.31 5.66 -19.06
CB MSE A 85 -22.25 8.93 -19.02
CB MSE A 85 -22.20 8.91 -19.08
CG MSE A 85 -23.19 10.14 -18.84
CG MSE A 85 -20.86 8.75 -19.80
SE MSE A 85 -22.52 11.81 -19.59
SE MSE A 85 -20.59 10.03 -21.24
CE MSE A 85 -22.10 11.18 -21.45
CE MSE A 85 -18.85 9.40 -21.86
N ILE A 86 -20.53 6.45 -17.93
CA ILE A 86 -19.72 5.29 -18.21
CA ILE A 86 -19.73 5.29 -18.23
C ILE A 86 -20.29 4.10 -17.46
N THR A 87 -20.61 4.30 -16.19
CA THR A 87 -21.18 3.27 -15.36
C THR A 87 -22.44 2.69 -16.00
N LYS A 88 -23.35 3.57 -16.41
CA LYS A 88 -24.59 3.20 -17.06
C LYS A 88 -24.34 2.32 -18.26
N GLU A 89 -23.41 2.73 -19.13
CA GLU A 89 -23.12 1.96 -20.34
C GLU A 89 -22.48 0.62 -20.02
N TYR A 90 -21.70 0.58 -18.93
CA TYR A 90 -21.06 -0.67 -18.50
C TYR A 90 -22.08 -1.66 -18.00
N ILE A 91 -23.03 -1.21 -17.18
CA ILE A 91 -24.12 -2.03 -16.70
C ILE A 91 -24.96 -2.57 -17.85
N ASP A 92 -25.38 -1.69 -18.74
CA ASP A 92 -26.24 -2.09 -19.85
C ASP A 92 -25.55 -3.18 -20.68
N LEU A 93 -24.26 -3.01 -20.88
CA LEU A 93 -23.53 -3.91 -21.72
C LEU A 93 -23.16 -5.19 -21.00
N LYS A 94 -22.69 -5.07 -19.75
CA LYS A 94 -22.00 -6.20 -19.13
C LYS A 94 -22.78 -6.95 -18.07
N VAL A 95 -23.90 -6.40 -17.60
CA VAL A 95 -24.69 -7.07 -16.57
C VAL A 95 -25.94 -7.67 -17.24
N ASP A 96 -26.16 -8.96 -17.02
CA ASP A 96 -27.24 -9.69 -17.67
C ASP A 96 -28.42 -9.87 -16.72
N GLY A 97 -29.31 -8.90 -16.71
CA GLY A 97 -30.49 -8.99 -15.87
C GLY A 97 -30.13 -9.12 -14.40
N GLY A 98 -31.09 -9.62 -13.61
CA GLY A 98 -30.96 -9.78 -12.18
C GLY A 98 -30.98 -8.45 -11.45
N ILE A 99 -30.31 -8.39 -10.30
CA ILE A 99 -30.32 -7.21 -9.43
C ILE A 99 -28.93 -6.49 -9.47
N VAL A 100 -28.93 -5.16 -9.53
CA VAL A 100 -27.71 -4.36 -9.29
C VAL A 100 -27.87 -3.77 -7.89
N ALA A 101 -26.98 -4.17 -6.97
CA ALA A 101 -27.00 -3.67 -5.59
C ALA A 101 -26.28 -2.31 -5.54
N TYR A 102 -26.75 -1.40 -4.70
CA TYR A 102 -26.10 -0.12 -4.60
C TYR A 102 -25.95 0.39 -3.18
N LEU A 103 -24.92 1.20 -3.01
CA LEU A 103 -24.70 1.97 -1.82
C LEU A 103 -24.92 3.44 -2.19
N GLY A 104 -25.97 4.03 -1.62
CA GLY A 104 -26.34 5.41 -1.95
C GLY A 104 -27.79 5.69 -1.57
N THR A 105 -28.36 6.72 -2.21
CA THR A 105 -29.75 7.12 -2.06
C THR A 105 -30.56 6.61 -3.25
N ALA A 106 -31.87 6.48 -3.05
CA ALA A 106 -32.77 6.10 -4.14
C ALA A 106 -32.61 7.06 -5.31
N ASN A 107 -32.52 8.36 -5.06
CA ASN A 107 -32.35 9.35 -6.11
CA ASN A 107 -32.36 9.32 -6.16
C ASN A 107 -31.03 9.13 -6.89
N SER A 108 -29.95 8.78 -6.18
CA SER A 108 -28.67 8.45 -6.88
C SER A 108 -28.82 7.23 -7.78
N ALA A 109 -29.69 6.30 -7.42
CA ALA A 109 -29.89 5.05 -8.16
C ALA A 109 -30.82 5.20 -9.38
N ASN A 110 -31.66 6.22 -9.39
CA ASN A 110 -32.70 6.41 -10.42
C ASN A 110 -32.19 6.47 -11.87
N TYR A 111 -31.11 7.22 -12.06
CA TYR A 111 -30.45 7.34 -13.36
C TYR A 111 -30.04 5.99 -13.95
N LEU A 112 -29.73 5.00 -13.11
CA LEU A 112 -29.22 3.71 -13.63
C LEU A 112 -30.35 2.71 -13.90
N VAL A 113 -31.56 3.02 -13.45
CA VAL A 113 -32.74 2.17 -13.72
C VAL A 113 -32.85 1.86 -15.22
N SER A 114 -33.15 0.61 -15.55
CA SER A 114 -33.30 0.19 -16.95
C SER A 114 -34.07 -1.12 -17.07
N ASP A 115 -34.37 -1.50 -18.31
CA ASP A 115 -35.10 -2.75 -18.60
CA ASP A 115 -35.10 -2.75 -18.60
C ASP A 115 -34.22 -3.99 -18.34
N GLY A 116 -34.81 -4.99 -17.67
CA GLY A 116 -34.11 -6.22 -17.37
C GLY A 116 -33.47 -6.25 -16.00
N ILE A 117 -33.13 -5.08 -15.45
CA ILE A 117 -32.45 -5.04 -14.16
C ILE A 117 -33.25 -4.30 -13.09
N LYS A 118 -33.19 -4.81 -11.85
CA LYS A 118 -33.76 -4.11 -10.71
C LYS A 118 -32.61 -3.57 -9.89
N MSE A 119 -32.71 -2.28 -9.57
CA MSE A 119 -31.83 -1.62 -8.63
C MSE A 119 -32.39 -1.90 -7.22
O MSE A 119 -33.58 -1.69 -7.00
CB MSE A 119 -31.88 -0.12 -8.82
CG MSE A 119 -31.44 0.37 -10.18
SE MSE A 119 -29.60 0.04 -10.46
CE MSE A 119 -28.80 1.44 -9.25
N LEU A 120 -31.52 -2.38 -6.31
CA LEU A 120 -31.84 -2.49 -4.86
C LEU A 120 -30.67 -2.05 -3.99
N PRO A 121 -30.97 -1.40 -2.85
CA PRO A 121 -29.88 -1.05 -1.96
C PRO A 121 -29.28 -2.31 -1.36
N VAL A 122 -27.99 -2.28 -1.04
CA VAL A 122 -27.36 -3.42 -0.35
C VAL A 122 -28.18 -3.88 0.87
N SER A 123 -28.85 -2.95 1.55
CA SER A 123 -29.68 -3.27 2.71
C SER A 123 -30.82 -4.24 2.42
N ALA A 124 -31.29 -4.27 1.19
CA ALA A 124 -32.40 -5.17 0.78
C ALA A 124 -31.93 -6.47 0.18
N ILE A 125 -30.64 -6.80 0.36
CA ILE A 125 -30.09 -8.03 -0.15
C ILE A 125 -29.93 -9.00 1.01
N ASP A 126 -30.37 -10.24 0.77
CA ASP A 126 -30.26 -11.31 1.74
C ASP A 126 -30.18 -12.63 1.01
N ASP A 127 -30.14 -13.72 1.76
CA ASP A 127 -30.08 -15.06 1.18
C ASP A 127 -31.23 -15.33 0.20
N SER A 128 -32.33 -14.63 0.37
CA SER A 128 -33.48 -14.86 -0.50
C SER A 128 -33.27 -14.32 -1.91
N ASN A 129 -32.40 -13.31 -2.09
CA ASN A 129 -32.16 -12.73 -3.44
C ASN A 129 -30.67 -12.57 -3.86
N ILE A 130 -29.74 -12.92 -2.98
CA ILE A 130 -28.33 -12.69 -3.27
C ILE A 130 -27.91 -13.39 -4.55
N GLY A 131 -28.54 -14.52 -4.87
CA GLY A 131 -28.13 -15.29 -6.05
C GLY A 131 -28.45 -14.61 -7.36
N GLU A 132 -29.24 -13.54 -7.26
CA GLU A 132 -29.61 -12.77 -8.43
C GLU A 132 -28.83 -11.47 -8.53
N VAL A 133 -27.97 -11.15 -7.55
CA VAL A 133 -27.23 -9.91 -7.59
C VAL A 133 -26.04 -10.08 -8.52
N ASN A 134 -26.03 -9.28 -9.60
CA ASN A 134 -25.05 -9.45 -10.67
C ASN A 134 -24.06 -8.30 -10.75
N ALA A 135 -24.26 -7.27 -9.93
CA ALA A 135 -23.28 -6.18 -9.82
C ALA A 135 -23.54 -5.37 -8.57
N LEU A 136 -22.51 -4.66 -8.14
CA LEU A 136 -22.61 -3.71 -7.04
C LEU A 136 -22.14 -2.37 -7.53
N VAL A 137 -22.92 -1.32 -7.31
CA VAL A 137 -22.44 0.07 -7.57
C VAL A 137 -22.42 0.93 -6.34
N LEU A 138 -21.33 1.65 -6.15
CA LEU A 138 -21.20 2.66 -5.08
C LEU A 138 -21.48 4.06 -5.68
N LEU A 139 -22.53 4.73 -5.18
CA LEU A 139 -23.07 5.95 -5.85
C LEU A 139 -23.00 7.21 -4.98
N ASP A 140 -23.21 7.04 -3.67
CA ASP A 140 -23.30 8.18 -2.75
C ASP A 140 -22.90 7.70 -1.33
N ASP A 141 -22.20 8.53 -0.57
CA ASP A 141 -21.84 8.20 0.81
C ASP A 141 -23.04 8.22 1.76
N GLU A 142 -24.10 8.93 1.37
CA GLU A 142 -25.30 9.03 2.19
C GLU A 142 -26.36 8.03 1.75
N GLY A 143 -27.32 7.75 2.64
CA GLY A 143 -28.52 7.01 2.27
C GLY A 143 -28.58 5.62 2.83
N PHE A 144 -27.56 5.24 3.60
CA PHE A 144 -27.52 3.91 4.18
C PHE A 144 -26.78 3.88 5.51
N ASN A 145 -27.06 2.84 6.29
CA ASN A 145 -26.40 2.62 7.58
C ASN A 145 -25.09 1.95 7.32
N TRP A 146 -24.01 2.64 7.66
CA TRP A 146 -22.66 2.17 7.33
C TRP A 146 -22.27 0.90 8.08
N PHE A 147 -22.63 0.81 9.35
CA PHE A 147 -22.28 -0.37 10.14
C PHE A 147 -22.91 -1.60 9.54
N HIS A 148 -24.21 -1.48 9.23
CA HIS A 148 -24.96 -2.56 8.61
C HIS A 148 -24.47 -2.90 7.21
N ASP A 149 -24.36 -1.90 6.37
CA ASP A 149 -24.22 -2.12 4.93
C ASP A 149 -22.81 -2.17 4.39
N LEU A 150 -21.84 -1.60 5.11
CA LEU A 150 -20.43 -1.86 4.78
C LEU A 150 -20.05 -3.31 5.08
N ASN A 151 -20.48 -3.78 6.25
CA ASN A 151 -20.40 -5.19 6.57
C ASN A 151 -21.10 -6.05 5.55
N LYS A 152 -22.34 -5.71 5.19
CA LYS A 152 -23.04 -6.53 4.16
C LYS A 152 -22.32 -6.50 2.81
N THR A 153 -21.73 -5.36 2.43
CA THR A 153 -21.00 -5.26 1.15
C THR A 153 -19.74 -6.13 1.15
N VAL A 154 -19.03 -6.14 2.27
CA VAL A 154 -17.89 -7.05 2.40
C VAL A 154 -18.36 -8.48 2.15
N ASN A 155 -19.44 -8.90 2.81
CA ASN A 155 -19.91 -10.25 2.65
C ASN A 155 -20.50 -10.55 1.26
N LEU A 156 -21.17 -9.56 0.67
CA LEU A 156 -21.72 -9.69 -0.67
C LEU A 156 -20.62 -10.01 -1.68
N LEU A 157 -19.52 -9.30 -1.56
CA LEU A 157 -18.40 -9.45 -2.49
C LEU A 157 -17.55 -10.70 -2.21
N ARG A 158 -17.55 -11.16 -0.97
CA ARG A 158 -16.96 -12.44 -0.62
C ARG A 158 -17.79 -13.59 -1.21
N LYS A 159 -19.09 -13.38 -1.37
CA LYS A 159 -20.00 -14.44 -1.80
C LYS A 159 -20.38 -14.40 -3.25
N ARG A 160 -20.28 -13.23 -3.91
CA ARG A 160 -20.71 -13.13 -5.30
C ARG A 160 -19.56 -12.68 -6.20
N THR A 161 -19.35 -13.39 -7.29
CA THR A 161 -18.29 -13.07 -8.21
C THR A 161 -18.86 -12.09 -9.22
N ILE A 162 -18.85 -10.81 -8.86
CA ILE A 162 -19.55 -9.76 -9.61
C ILE A 162 -18.67 -8.49 -9.67
N PRO A 163 -18.87 -7.65 -10.69
CA PRO A 163 -18.15 -6.39 -10.70
C PRO A 163 -18.61 -5.42 -9.58
N ALA A 164 -17.64 -4.80 -8.91
CA ALA A 164 -17.91 -3.73 -7.97
C ALA A 164 -17.40 -2.44 -8.64
N ILE A 165 -18.31 -1.47 -8.81
CA ILE A 165 -18.05 -0.24 -9.59
C ILE A 165 -18.21 1.02 -8.69
N VAL A 166 -17.31 1.98 -8.83
CA VAL A 166 -17.48 3.29 -8.21
C VAL A 166 -16.90 4.36 -9.14
N ALA A 167 -17.42 5.59 -9.04
CA ALA A 167 -16.79 6.78 -9.64
C ALA A 167 -15.51 7.08 -8.88
N ASN A 168 -14.46 7.45 -9.62
CA ASN A 168 -13.14 7.68 -9.02
C ASN A 168 -13.08 9.03 -8.35
N THR A 169 -13.90 9.23 -7.32
CA THR A 169 -13.93 10.54 -6.68
C THR A 169 -12.72 10.60 -5.75
N ASP A 170 -12.45 11.80 -5.26
CA ASP A 170 -11.47 11.98 -4.21
C ASP A 170 -11.98 11.16 -3.02
N ASN A 171 -11.08 10.75 -2.13
CA ASN A 171 -11.48 10.02 -0.93
C ASN A 171 -12.30 10.84 0.03
N THR A 172 -12.08 12.16 0.06
CA THR A 172 -12.89 13.07 0.88
C THR A 172 -13.32 14.28 0.09
N TYR A 173 -14.34 14.98 0.59
CA TYR A 173 -14.72 16.30 0.09
C TYR A 173 -14.82 17.32 1.23
N PRO A 174 -14.51 18.60 0.95
CA PRO A 174 -14.73 19.60 1.96
C PRO A 174 -16.22 19.78 2.25
N LEU A 175 -16.54 19.87 3.54
CA LEU A 175 -17.92 20.03 4.03
C LEU A 175 -18.15 21.46 4.56
N THR A 176 -17.17 21.93 5.30
CA THR A 176 -17.15 23.30 5.78
C THR A 176 -15.74 23.81 5.53
N LYS A 177 -15.47 25.02 6.00
CA LYS A 177 -14.13 25.58 5.99
C LYS A 177 -13.09 24.74 6.73
N THR A 178 -13.51 24.08 7.81
CA THR A 178 -12.57 23.28 8.62
C THR A 178 -12.69 21.74 8.39
N ASP A 179 -13.89 21.26 8.08
CA ASP A 179 -14.18 19.82 8.06
C ASP A 179 -14.32 19.23 6.64
N VAL A 180 -13.95 17.96 6.55
CA VAL A 180 -14.18 17.19 5.33
C VAL A 180 -15.19 16.07 5.63
N ALA A 181 -15.62 15.41 4.56
CA ALA A 181 -16.51 14.28 4.64
C ALA A 181 -15.95 13.19 3.71
N ILE A 182 -16.13 11.95 4.10
CA ILE A 182 -15.70 10.83 3.30
C ILE A 182 -16.66 10.71 2.11
N ALA A 183 -16.08 10.67 0.90
CA ALA A 183 -16.85 10.61 -0.35
C ALA A 183 -17.00 9.17 -0.75
N ILE A 184 -17.83 8.93 -1.76
CA ILE A 184 -18.14 7.55 -2.17
C ILE A 184 -16.86 6.79 -2.61
N GLY A 185 -15.93 7.51 -3.26
CA GLY A 185 -14.65 6.92 -3.64
C GLY A 185 -13.86 6.51 -2.43
N GLY A 186 -14.02 7.27 -1.36
CA GLY A 186 -13.35 6.99 -0.10
C GLY A 186 -13.96 5.77 0.57
N VAL A 187 -15.28 5.65 0.47
CA VAL A 187 -15.94 4.44 0.95
C VAL A 187 -15.40 3.19 0.22
N ALA A 188 -15.24 3.27 -1.09
CA ALA A 188 -14.64 2.18 -1.86
C ALA A 188 -13.23 1.91 -1.34
N THR A 189 -12.44 2.98 -1.15
CA THR A 189 -11.08 2.87 -0.65
C THR A 189 -11.04 2.10 0.68
N MSE A 190 -12.00 2.41 1.57
CA MSE A 190 -12.09 1.77 2.88
C MSE A 190 -12.43 0.32 2.75
O MSE A 190 -11.88 -0.51 3.45
CB MSE A 190 -13.18 2.44 3.69
CG MSE A 190 -12.78 3.81 4.16
SE MSE A 190 -14.19 4.72 5.17
CE MSE A 190 -15.75 3.84 4.73
N ILE A 191 -13.40 0.01 1.89
CA ILE A 191 -13.75 -1.37 1.63
C ILE A 191 -12.53 -2.12 1.10
N GLU A 192 -11.83 -1.51 0.15
CA GLU A 192 -10.66 -2.11 -0.44
C GLU A 192 -9.50 -2.31 0.55
N SER A 193 -9.46 -1.54 1.63
CA SER A 193 -8.44 -1.76 2.67
C SER A 193 -8.66 -3.08 3.43
N ILE A 194 -9.89 -3.60 3.41
CA ILE A 194 -10.28 -4.87 4.03
C ILE A 194 -10.15 -6.01 3.01
N LEU A 195 -10.71 -5.83 1.83
CA LEU A 195 -10.83 -6.89 0.82
C LEU A 195 -9.65 -6.99 -0.12
N GLY A 196 -8.82 -5.96 -0.20
CA GLY A 196 -7.89 -5.79 -1.34
C GLY A 196 -8.52 -4.95 -2.46
N ARG A 197 -7.74 -4.63 -3.48
CA ARG A 197 -8.26 -3.91 -4.65
C ARG A 197 -9.32 -4.75 -5.33
N ARG A 198 -10.39 -4.10 -5.75
CA ARG A 198 -11.60 -4.85 -6.07
C ARG A 198 -12.63 -4.02 -6.86
N PHE A 199 -12.50 -2.68 -6.85
CA PHE A 199 -13.42 -1.81 -7.58
C PHE A 199 -12.87 -1.44 -8.94
N ILE A 200 -13.76 -1.56 -9.92
CA ILE A 200 -13.60 -0.91 -11.22
C ILE A 200 -13.94 0.55 -10.98
N ARG A 201 -12.97 1.41 -11.26
CA ARG A 201 -13.14 2.85 -11.07
C ARG A 201 -13.26 3.57 -12.41
N PHE A 202 -14.30 4.39 -12.57
CA PHE A 202 -14.56 5.12 -13.82
C PHE A 202 -14.33 6.58 -13.59
N GLY A 203 -13.78 7.23 -14.61
CA GLY A 203 -13.60 8.66 -14.61
C GLY A 203 -12.15 9.01 -14.61
N LYS A 204 -11.90 10.32 -14.51
CA LYS A 204 -10.54 10.86 -14.50
C LYS A 204 -9.75 10.15 -13.41
N PRO A 205 -8.48 9.82 -13.66
CA PRO A 205 -7.61 10.16 -14.79
C PRO A 205 -7.69 9.26 -16.04
N ASP A 206 -8.70 8.39 -16.12
CA ASP A 206 -8.98 7.63 -17.36
C ASP A 206 -9.37 8.66 -18.42
N SER A 207 -9.47 8.21 -19.67
CA SER A 207 -9.60 9.10 -20.82
C SER A 207 -10.88 8.91 -21.63
N GLN A 208 -11.80 8.03 -21.18
CA GLN A 208 -13.02 7.77 -21.94
C GLN A 208 -13.88 9.00 -22.09
N MSE A 209 -14.02 9.78 -21.03
CA MSE A 209 -14.91 10.94 -21.09
C MSE A 209 -14.34 12.00 -22.02
O MSE A 209 -15.10 12.62 -22.84
CB MSE A 209 -15.15 11.53 -19.71
CG MSE A 209 -16.13 10.73 -18.87
SE MSE A 209 -16.43 11.62 -17.16
CE MSE A 209 -14.66 11.67 -16.37
N PHE A 210 -13.02 12.19 -21.91
CA PHE A 210 -12.27 13.11 -22.77
C PHE A 210 -12.48 12.70 -24.22
N MSE A 211 -12.36 11.41 -24.50
CA MSE A 211 -12.48 10.92 -25.86
C MSE A 211 -13.90 11.17 -26.44
O MSE A 211 -14.06 11.46 -27.62
CB MSE A 211 -12.13 9.43 -25.88
CG MSE A 211 -12.12 8.83 -27.27
SE MSE A 211 -10.99 9.80 -28.63
CE MSE A 211 -9.14 8.98 -28.40
N PHE A 212 -14.90 11.03 -25.59
CA PHE A 212 -16.29 11.28 -25.97
C PHE A 212 -16.51 12.76 -26.37
N ALA A 213 -16.00 13.67 -25.55
CA ALA A 213 -16.09 15.11 -25.81
C ALA A 213 -15.28 15.45 -27.05
N TYR A 214 -14.07 14.90 -27.13
CA TYR A 214 -13.18 15.20 -28.26
C TYR A 214 -13.83 14.77 -29.57
N ASP A 215 -14.36 13.55 -29.59
CA ASP A 215 -15.02 13.04 -30.79
C ASP A 215 -16.20 13.96 -31.21
N MSE A 216 -16.97 14.48 -30.25
CA MSE A 216 -18.05 15.40 -30.59
C MSE A 216 -17.51 16.67 -31.20
O MSE A 216 -18.06 17.19 -32.16
CB MSE A 216 -18.90 15.71 -29.37
CG MSE A 216 -19.74 14.50 -28.97
SE MSE A 216 -21.08 14.93 -27.67
CE MSE A 216 -22.44 15.92 -28.90
N LEU A 217 -16.42 17.20 -30.66
CA LEU A 217 -15.85 18.43 -31.20
C LEU A 217 -15.34 18.20 -32.62
N ARG A 218 -14.70 17.07 -32.83
CA ARG A 218 -14.19 16.74 -34.13
C ARG A 218 -15.27 16.65 -35.19
N GLN A 219 -16.52 16.35 -34.79
CA GLN A 219 -17.62 16.29 -35.76
C GLN A 219 -18.06 17.67 -36.29
N LYS A 220 -17.59 18.74 -35.67
CA LYS A 220 -18.00 20.07 -36.09
C LYS A 220 -16.85 21.06 -36.31
N MSE A 221 -15.63 20.65 -36.05
CA MSE A 221 -14.51 21.57 -36.26
C MSE A 221 -13.19 20.87 -36.40
O MSE A 221 -13.03 19.72 -36.00
CB MSE A 221 -14.38 22.55 -35.10
CG MSE A 221 -13.86 21.94 -33.81
SE MSE A 221 -14.05 23.25 -32.31
CE MSE A 221 -15.96 23.08 -32.11
N GLU A 222 -12.21 21.60 -36.93
CA GLU A 222 -10.83 21.15 -36.88
C GLU A 222 -10.26 21.44 -35.48
N ILE A 223 -9.86 20.40 -34.80
CA ILE A 223 -9.38 20.54 -33.46
C ILE A 223 -8.39 19.44 -33.15
N SER A 224 -7.31 19.82 -32.47
CA SER A 224 -6.36 18.84 -31.97
C SER A 224 -6.44 18.86 -30.43
N LYS A 225 -5.88 17.82 -29.81
CA LYS A 225 -6.01 17.62 -28.34
C LYS A 225 -5.33 18.73 -27.53
N ARG A 226 -4.23 19.25 -28.05
CA ARG A 226 -3.53 20.36 -27.40
C ARG A 226 -4.28 21.70 -27.52
N GLU A 227 -5.33 21.74 -28.35
CA GLU A 227 -6.20 22.93 -28.47
C GLU A 227 -7.40 22.83 -27.51
N ILE A 228 -7.38 21.85 -26.64
CA ILE A 228 -8.33 21.74 -25.56
C ILE A 228 -7.60 21.98 -24.23
N LEU A 229 -8.22 22.77 -23.33
CA LEU A 229 -7.66 23.02 -21.99
C LEU A 229 -8.49 22.31 -20.88
N MSE A 230 -7.86 21.40 -20.15
CA MSE A 230 -8.48 20.77 -18.98
C MSE A 230 -8.15 21.60 -17.77
O MSE A 230 -6.99 21.80 -17.45
CB MSE A 230 -8.00 19.32 -18.75
CG MSE A 230 -8.43 18.73 -17.37
SE MSE A 230 -10.31 18.25 -17.40
CE MSE A 230 -11.03 18.66 -15.65
N VAL A 231 -9.18 22.07 -17.06
CA VAL A 231 -9.02 22.96 -15.90
C VAL A 231 -9.41 22.21 -14.63
N GLY A 232 -8.48 22.06 -13.70
CA GLY A 232 -8.78 21.32 -12.47
C GLY A 232 -7.97 21.73 -11.26
N ASP A 233 -8.42 21.27 -10.09
CA ASP A 233 -7.76 21.56 -8.82
C ASP A 233 -6.96 20.39 -8.24
N THR A 234 -7.05 19.22 -8.89
CA THR A 234 -6.46 17.98 -8.37
C THR A 234 -5.50 17.37 -9.36
N LEU A 235 -4.24 17.18 -8.93
CA LEU A 235 -3.16 16.71 -9.81
C LEU A 235 -3.40 15.29 -10.36
N HIS A 236 -3.75 14.40 -9.46
CA HIS A 236 -3.73 12.99 -9.77
C HIS A 236 -4.98 12.56 -10.53
N THR A 237 -5.98 13.44 -10.68
CA THR A 237 -7.16 13.13 -11.48
C THR A 237 -7.27 14.05 -12.74
N ASP A 238 -7.53 15.33 -12.52
CA ASP A 238 -7.65 16.30 -13.61
C ASP A 238 -6.38 16.51 -14.45
N ILE A 239 -5.26 16.77 -13.78
CA ILE A 239 -4.05 17.20 -14.47
C ILE A 239 -3.36 16.00 -15.08
N LEU A 240 -3.19 14.93 -14.28
CA LEU A 240 -2.61 13.66 -14.79
C LEU A 240 -3.46 13.14 -15.94
N GLY A 241 -4.78 13.09 -15.71
CA GLY A 241 -5.72 12.58 -16.71
C GLY A 241 -5.62 13.34 -18.00
N GLY A 242 -5.72 14.67 -17.94
CA GLY A 242 -5.60 15.53 -19.13
C GLY A 242 -4.26 15.37 -19.84
N ASN A 243 -3.17 15.42 -19.09
CA ASN A 243 -1.84 15.32 -19.68
C ASN A 243 -1.63 14.00 -20.47
N LYS A 244 -2.01 12.89 -19.84
CA LYS A 244 -1.87 11.59 -20.49
C LYS A 244 -2.63 11.52 -21.80
N PHE A 245 -3.79 12.18 -21.87
CA PHE A 245 -4.61 12.16 -23.07
C PHE A 245 -4.11 13.13 -24.13
N GLY A 246 -3.19 14.01 -23.80
CA GLY A 246 -2.66 14.98 -24.75
C GLY A 246 -3.26 16.37 -24.61
N LEU A 247 -4.16 16.56 -23.65
CA LEU A 247 -4.79 17.89 -23.48
C LEU A 247 -3.78 18.83 -22.82
N ASP A 248 -3.92 20.14 -23.05
CA ASP A 248 -3.21 21.08 -22.17
C ASP A 248 -3.99 21.06 -20.88
N THR A 249 -3.33 21.43 -19.80
CA THR A 249 -3.91 21.45 -18.50
C THR A 249 -3.61 22.74 -17.72
N ALA A 250 -4.61 23.21 -16.97
CA ALA A 250 -4.45 24.35 -16.09
C ALA A 250 -4.83 23.94 -14.70
N LEU A 251 -3.86 23.97 -13.80
CA LEU A 251 -4.10 23.81 -12.37
C LEU A 251 -4.64 25.13 -11.79
N VAL A 252 -5.82 25.07 -11.20
CA VAL A 252 -6.31 26.19 -10.38
C VAL A 252 -6.04 25.94 -8.90
N LEU A 253 -5.96 27.03 -8.14
CA LEU A 253 -5.53 26.94 -6.75
C LEU A 253 -6.70 27.12 -5.76
N THR A 254 -7.93 26.98 -6.27
CA THR A 254 -9.12 27.21 -5.51
C THR A 254 -9.66 25.96 -4.83
N GLY A 255 -8.93 24.86 -4.88
CA GLY A 255 -9.46 23.58 -4.41
C GLY A 255 -8.44 22.75 -3.66
N ASN A 256 -8.30 21.48 -4.03
CA ASN A 256 -7.41 20.54 -3.35
C ASN A 256 -5.94 20.93 -3.36
N THR A 257 -5.47 21.67 -4.34
CA THR A 257 -4.05 22.03 -4.37
C THR A 257 -3.94 23.46 -3.85
N ARG A 258 -3.53 23.63 -2.61
CA ARG A 258 -3.38 24.97 -2.04
C ARG A 258 -2.09 25.60 -2.55
N ILE A 259 -2.07 26.92 -2.64
CA ILE A 259 -0.91 27.64 -3.19
C ILE A 259 0.43 27.32 -2.47
N ASP A 260 0.39 27.21 -1.13
CA ASP A 260 1.59 26.93 -0.34
C ASP A 260 2.16 25.54 -0.61
N ASP A 261 1.32 24.65 -1.15
CA ASP A 261 1.72 23.26 -1.38
C ASP A 261 1.95 22.90 -2.84
N ALA A 262 1.61 23.79 -3.76
CA ALA A 262 1.61 23.42 -5.17
C ALA A 262 2.97 22.96 -5.67
N GLU A 263 4.02 23.71 -5.35
CA GLU A 263 5.33 23.36 -5.89
C GLU A 263 5.79 22.02 -5.35
N THR A 264 5.58 21.84 -4.08
CA THR A 264 5.90 20.57 -3.43
C THR A 264 5.10 19.41 -4.02
N LYS A 265 3.80 19.56 -4.15
CA LYS A 265 2.99 18.46 -4.69
C LYS A 265 3.38 18.20 -6.12
N ILE A 266 3.66 19.25 -6.90
CA ILE A 266 4.03 19.05 -8.30
C ILE A 266 5.36 18.29 -8.38
N LYS A 267 6.32 18.67 -7.54
CA LYS A 267 7.64 18.05 -7.50
C LYS A 267 7.58 16.61 -7.00
N SER A 268 6.76 16.35 -5.99
CA SER A 268 6.69 14.99 -5.40
C SER A 268 5.96 13.98 -6.30
N THR A 269 5.01 14.44 -7.12
CA THR A 269 4.26 13.56 -8.03
C THR A 269 4.85 13.56 -9.45
N GLY A 270 5.56 14.61 -9.81
CA GLY A 270 6.00 14.79 -11.18
C GLY A 270 4.87 15.03 -12.17
N ILE A 271 3.72 15.41 -11.64
CA ILE A 271 2.57 15.75 -12.46
C ILE A 271 2.60 17.26 -12.70
N VAL A 272 3.04 17.63 -13.91
CA VAL A 272 3.27 19.02 -14.27
C VAL A 272 2.12 19.59 -15.11
N PRO A 273 1.48 20.67 -14.62
CA PRO A 273 0.46 21.31 -15.45
C PRO A 273 1.06 22.23 -16.51
N THR A 274 0.40 22.35 -17.66
CA THR A 274 0.81 23.32 -18.68
C THR A 274 0.84 24.71 -18.05
N HIS A 275 -0.19 25.04 -17.25
CA HIS A 275 -0.33 26.37 -16.67
C HIS A 275 -0.84 26.28 -15.24
N ILE A 276 -0.54 27.32 -14.45
CA ILE A 276 -1.07 27.44 -13.11
C ILE A 276 -1.79 28.76 -13.04
N CYS A 277 -3.01 28.75 -12.50
CA CYS A 277 -3.85 29.95 -12.38
C CYS A 277 -4.40 30.00 -10.97
N GLU A 278 -4.65 31.20 -10.48
CA GLU A 278 -5.28 31.39 -9.19
C GLU A 278 -6.70 30.78 -9.16
N SER A 279 -7.50 31.05 -10.18
CA SER A 279 -8.82 30.47 -10.29
C SER A 279 -9.35 30.54 -11.73
N ALA A 280 -10.49 29.89 -11.94
CA ALA A 280 -11.18 29.90 -13.23
C ALA A 280 -12.13 31.07 -13.36
N VAL A 281 -12.23 31.89 -12.33
CA VAL A 281 -13.08 33.09 -12.37
C VAL A 281 -12.41 34.22 -13.17
N ILE A 282 -13.12 34.70 -14.18
CA ILE A 282 -12.68 35.80 -15.05
C ILE A 282 -13.31 37.12 -14.60
N GLU A 283 -12.52 38.18 -14.55
CA GLU A 283 -13.01 39.50 -14.12
C GLU A 283 -13.60 40.41 -15.24
N LEU A 284 -14.24 41.49 -14.81
CA LEU A 284 -15.12 42.33 -15.65
C LEU A 284 -16.32 41.51 -16.14
N GLY B 1 4.74 -30.67 1.89
CA GLY B 1 4.03 -31.61 2.80
C GLY B 1 4.05 -31.06 4.20
N MSE B 2 2.95 -31.21 4.93
CA MSE B 2 2.93 -30.77 6.31
C MSE B 2 2.97 -31.98 7.22
O MSE B 2 2.26 -32.94 6.96
CB MSE B 2 1.65 -30.04 6.64
CG MSE B 2 1.40 -28.81 5.87
SE MSE B 2 -0.30 -28.07 6.47
CE MSE B 2 -1.59 -29.31 5.61
N GLN B 3 3.77 -31.90 8.27
CA GLN B 3 3.70 -32.88 9.34
C GLN B 3 2.73 -32.36 10.40
N ILE B 4 1.61 -33.04 10.56
CA ILE B 4 0.61 -32.66 11.55
C ILE B 4 0.90 -33.46 12.83
N GLU B 5 1.06 -32.76 13.94
CA GLU B 5 1.42 -33.36 15.22
C GLU B 5 0.25 -33.18 16.15
N SER B 6 0.04 -34.11 17.08
CA SER B 6 -1.05 -33.92 18.04
C SER B 6 -0.57 -32.94 19.11
N PHE B 7 -1.49 -32.07 19.50
CA PHE B 7 -1.16 -31.06 20.48
C PHE B 7 -0.67 -31.69 21.80
N LYS B 8 -1.38 -32.70 22.28
CA LYS B 8 -0.93 -33.41 23.50
C LYS B 8 0.54 -33.84 23.39
N SER B 9 0.96 -34.30 22.22
CA SER B 9 2.34 -34.83 22.06
C SER B 9 3.42 -33.77 22.27
N LEU B 10 3.08 -32.53 21.96
CA LEU B 10 3.99 -31.42 22.10
C LEU B 10 4.19 -30.99 23.55
N LEU B 11 3.17 -31.12 24.38
CA LEU B 11 3.18 -30.41 25.65
C LEU B 11 4.34 -30.69 26.63
N PRO B 12 4.88 -31.93 26.66
CA PRO B 12 6.06 -32.24 27.48
C PRO B 12 7.34 -31.44 27.19
N LYS B 13 7.46 -30.81 26.03
CA LYS B 13 8.67 -30.04 25.71
C LYS B 13 8.70 -28.69 26.43
N TYR B 14 7.56 -28.29 27.01
CA TYR B 14 7.35 -26.88 27.33
C TYR B 14 7.00 -26.65 28.79
N LYS B 15 7.55 -25.58 29.36
CA LYS B 15 7.25 -25.21 30.73
C LYS B 15 6.05 -24.24 30.82
N CYS B 16 5.71 -23.57 29.74
CA CYS B 16 4.50 -22.75 29.71
C CYS B 16 3.93 -22.65 28.29
N ILE B 17 2.60 -22.64 28.20
CA ILE B 17 1.90 -22.44 26.95
C ILE B 17 1.28 -21.05 26.92
N PHE B 18 1.48 -20.34 25.79
CA PHE B 18 0.76 -19.12 25.49
C PHE B 18 -0.29 -19.44 24.43
N PHE B 19 -1.54 -19.22 24.78
CA PHE B 19 -2.65 -19.44 23.87
C PHE B 19 -3.19 -18.10 23.37
N ASP B 20 -3.28 -17.94 22.05
CA ASP B 20 -4.24 -17.02 21.46
C ASP B 20 -5.67 -17.52 21.79
N ALA B 21 -6.66 -16.62 21.82
CA ALA B 21 -8.04 -17.01 22.16
C ALA B 21 -8.82 -17.37 20.90
N PHE B 22 -9.16 -16.36 20.08
CA PHE B 22 -10.02 -16.58 18.92
C PHE B 22 -9.35 -17.38 17.82
N GLY B 23 -10.07 -18.43 17.40
CA GLY B 23 -9.59 -19.38 16.40
C GLY B 23 -8.80 -20.52 17.01
N VAL B 24 -8.61 -20.48 18.33
CA VAL B 24 -7.79 -21.48 19.02
C VAL B 24 -8.59 -22.11 20.15
N LEU B 25 -9.14 -21.28 21.03
CA LEU B 25 -9.94 -21.74 22.16
C LEU B 25 -11.44 -21.62 21.90
N LYS B 26 -11.79 -20.70 21.03
CA LYS B 26 -13.19 -20.40 20.80
C LYS B 26 -13.32 -19.81 19.43
N THR B 27 -14.57 -19.78 18.95
CA THR B 27 -14.91 -19.26 17.64
C THR B 27 -16.23 -18.49 17.73
N TYR B 28 -16.84 -18.18 16.59
CA TYR B 28 -18.08 -17.39 16.56
C TYR B 28 -19.25 -17.99 17.37
N ASN B 29 -19.31 -19.33 17.44
CA ASN B 29 -20.34 -20.03 18.21
C ASN B 29 -19.80 -20.60 19.55
N GLY B 30 -18.89 -19.86 20.19
CA GLY B 30 -18.45 -20.18 21.55
C GLY B 30 -17.21 -21.06 21.59
N LEU B 31 -17.02 -21.72 22.71
CA LEU B 31 -15.81 -22.54 22.90
C LEU B 31 -15.71 -23.63 21.85
N LEU B 32 -14.49 -24.00 21.47
CA LEU B 32 -14.31 -25.18 20.63
C LEU B 32 -14.70 -26.41 21.45
N PRO B 33 -15.47 -27.34 20.86
CA PRO B 33 -15.92 -28.46 21.71
C PRO B 33 -14.75 -29.27 22.25
N GLY B 34 -14.77 -29.55 23.56
CA GLY B 34 -13.71 -30.33 24.18
C GLY B 34 -12.57 -29.52 24.81
N ILE B 35 -12.54 -28.21 24.58
CA ILE B 35 -11.38 -27.40 24.96
C ILE B 35 -11.17 -27.40 26.48
N GLU B 36 -12.25 -27.64 27.22
CA GLU B 36 -12.14 -27.86 28.66
C GLU B 36 -11.15 -28.95 29.05
N ASN B 37 -11.09 -30.02 28.27
CA ASN B 37 -10.13 -31.11 28.55
C ASN B 37 -8.68 -30.66 28.43
N THR B 38 -8.40 -29.74 27.53
CA THR B 38 -7.08 -29.16 27.45
C THR B 38 -6.68 -28.52 28.79
N PHE B 39 -7.59 -27.76 29.39
CA PHE B 39 -7.24 -27.05 30.62
C PHE B 39 -7.23 -27.97 31.82
N ASP B 40 -8.18 -28.92 31.87
CA ASP B 40 -8.09 -30.04 32.83
C ASP B 40 -6.73 -30.70 32.72
N TYR B 41 -6.31 -31.01 31.50
CA TYR B 41 -5.07 -31.70 31.31
C TYR B 41 -3.88 -30.91 31.88
N LEU B 42 -3.74 -29.63 31.50
CA LEU B 42 -2.62 -28.80 31.95
C LEU B 42 -2.56 -28.71 33.48
N LYS B 43 -3.73 -28.54 34.08
CA LYS B 43 -3.87 -28.55 35.54
C LYS B 43 -3.28 -29.85 36.14
N ALA B 44 -3.84 -30.98 35.72
CA ALA B 44 -3.36 -32.30 36.12
C ALA B 44 -1.83 -32.49 35.92
N GLN B 45 -1.27 -31.86 34.89
CA GLN B 45 0.16 -31.98 34.61
C GLN B 45 0.97 -30.93 35.32
N GLY B 46 0.31 -30.07 36.09
CA GLY B 46 0.95 -28.90 36.66
C GLY B 46 1.66 -27.98 35.66
N GLN B 47 1.07 -27.79 34.48
CA GLN B 47 1.68 -26.95 33.45
CA GLN B 47 1.68 -26.97 33.43
C GLN B 47 1.08 -25.57 33.41
N ASP B 48 1.95 -24.57 33.48
CA ASP B 48 1.50 -23.19 33.42
C ASP B 48 1.03 -22.83 32.02
N TYR B 49 0.17 -21.84 31.95
CA TYR B 49 -0.26 -21.26 30.68
C TYR B 49 -0.75 -19.81 30.89
N TYR B 50 -0.83 -19.08 29.78
CA TYR B 50 -1.42 -17.77 29.77
C TYR B 50 -2.19 -17.70 28.48
N ILE B 51 -3.17 -16.79 28.48
CA ILE B 51 -3.84 -16.36 27.27
C ILE B 51 -3.24 -15.05 26.88
N VAL B 52 -2.81 -14.93 25.63
CA VAL B 52 -2.19 -13.70 25.13
C VAL B 52 -3.02 -13.28 23.94
N THR B 53 -3.74 -12.18 24.11
CA THR B 53 -4.80 -11.84 23.20
C THR B 53 -4.73 -10.36 22.84
N ASN B 54 -5.04 -10.08 21.58
CA ASN B 54 -5.11 -8.72 21.07
C ASN B 54 -6.52 -8.13 21.26
N ASP B 55 -7.15 -8.40 22.37
CA ASP B 55 -8.50 -7.94 22.67
C ASP B 55 -8.32 -6.86 23.71
N ALA B 56 -8.71 -5.65 23.35
CA ALA B 56 -8.76 -4.58 24.29
C ALA B 56 -10.19 -4.05 24.46
N SER B 57 -11.17 -4.88 24.18
CA SER B 57 -12.58 -4.47 24.24
C SER B 57 -13.17 -4.59 25.64
N ARG B 58 -12.46 -5.24 26.56
CA ARG B 58 -12.86 -5.30 27.94
C ARG B 58 -11.63 -5.64 28.82
N SER B 59 -11.81 -5.58 30.13
CA SER B 59 -10.73 -5.84 31.06
C SER B 59 -10.41 -7.34 31.11
N PRO B 60 -9.19 -7.70 31.57
CA PRO B 60 -8.92 -9.12 31.86
C PRO B 60 -9.95 -9.81 32.76
N GLU B 61 -10.46 -9.10 33.76
CA GLU B 61 -11.48 -9.62 34.66
C GLU B 61 -12.75 -10.00 33.90
N GLN B 62 -13.17 -9.12 32.99
CA GLN B 62 -14.34 -9.35 32.15
C GLN B 62 -14.11 -10.43 31.11
N LEU B 63 -12.91 -10.49 30.56
CA LEU B 63 -12.59 -11.57 29.62
C LEU B 63 -12.63 -12.91 30.34
N ALA B 64 -12.10 -12.95 31.56
CA ALA B 64 -12.14 -14.13 32.43
C ALA B 64 -13.58 -14.50 32.82
N ASP B 65 -14.42 -13.51 33.13
CA ASP B 65 -15.85 -13.81 33.40
CA ASP B 65 -15.87 -13.74 33.36
C ASP B 65 -16.56 -14.41 32.20
N SER B 66 -16.20 -14.00 30.98
CA SER B 66 -16.83 -14.59 29.79
C SER B 66 -16.53 -16.07 29.69
N TYR B 67 -15.30 -16.50 30.05
CA TYR B 67 -14.95 -17.92 30.06
C TYR B 67 -15.70 -18.66 31.17
N HIS B 68 -15.81 -18.03 32.35
CA HIS B 68 -16.58 -18.63 33.45
C HIS B 68 -18.06 -18.82 33.05
N LYS B 69 -18.66 -17.86 32.35
CA LYS B 69 -20.02 -18.03 31.86
C LYS B 69 -20.14 -19.19 30.87
N LEU B 70 -19.12 -19.36 30.03
CA LEU B 70 -19.10 -20.47 29.06
C LEU B 70 -18.67 -21.79 29.74
N GLY B 71 -18.33 -21.74 31.03
CA GLY B 71 -18.13 -22.94 31.81
C GLY B 71 -16.68 -23.28 32.06
N LEU B 72 -15.76 -22.51 31.48
CA LEU B 72 -14.31 -22.72 31.68
C LEU B 72 -13.79 -21.97 32.93
N PHE B 73 -13.96 -22.59 34.09
CA PHE B 73 -13.69 -21.89 35.35
C PHE B 73 -12.21 -21.75 35.69
N SER B 74 -11.40 -22.60 35.06
CA SER B 74 -9.95 -22.63 35.30
CA SER B 74 -9.94 -22.66 35.24
C SER B 74 -9.27 -21.32 34.92
N ILE B 75 -9.80 -20.63 33.91
CA ILE B 75 -9.19 -19.43 33.42
C ILE B 75 -9.55 -18.26 34.32
N THR B 76 -8.53 -17.73 34.98
CA THR B 76 -8.68 -16.60 35.87
C THR B 76 -8.07 -15.33 35.23
N ALA B 77 -8.41 -14.16 35.79
CA ALA B 77 -7.97 -12.88 35.24
C ALA B 77 -6.46 -12.74 35.20
N ASP B 78 -5.78 -13.37 36.16
CA ASP B 78 -4.31 -13.35 36.20
C ASP B 78 -3.66 -14.14 35.05
N LYS B 79 -4.44 -14.98 34.40
CA LYS B 79 -3.92 -15.79 33.29
C LYS B 79 -4.08 -15.08 31.97
N ILE B 80 -4.79 -13.96 31.96
CA ILE B 80 -5.11 -13.25 30.70
C ILE B 80 -4.27 -12.00 30.52
N ILE B 81 -3.39 -12.05 29.51
CA ILE B 81 -2.55 -10.90 29.14
C ILE B 81 -3.15 -10.37 27.84
N SER B 82 -3.63 -9.13 27.90
CA SER B 82 -4.31 -8.55 26.77
C SER B 82 -3.66 -7.22 26.38
N SER B 83 -3.81 -6.87 25.12
CA SER B 83 -3.16 -5.68 24.63
C SER B 83 -3.82 -4.43 25.23
N GLY B 84 -5.04 -4.55 25.75
CA GLY B 84 -5.70 -3.45 26.48
C GLY B 84 -4.91 -2.99 27.72
N MSE B 85 -4.13 -3.91 28.31
CA MSE B 85 -3.26 -3.57 29.43
CA MSE B 85 -3.25 -3.58 29.45
C MSE B 85 -2.15 -2.61 29.00
O MSE B 85 -1.74 -1.72 29.76
CB MSE B 85 -2.70 -4.84 30.03
CB MSE B 85 -2.62 -4.83 30.08
CG MSE B 85 -3.80 -5.79 30.53
CG MSE B 85 -1.13 -5.06 29.77
SE MSE B 85 -3.19 -7.50 31.18
SE MSE B 85 -0.17 -6.47 30.79
CE MSE B 85 -1.83 -6.90 32.38
CE MSE B 85 1.64 -5.96 30.13
N ILE B 86 -1.66 -2.80 27.78
CA ILE B 86 -0.64 -1.94 27.23
C ILE B 86 -1.23 -0.55 26.99
N THR B 87 -2.40 -0.53 26.36
CA THR B 87 -3.10 0.70 26.06
C THR B 87 -3.29 1.55 27.31
N LYS B 88 -3.81 0.90 28.35
CA LYS B 88 -4.07 1.53 29.65
C LYS B 88 -2.80 2.13 30.22
N GLU B 89 -1.69 1.38 30.19
CA GLU B 89 -0.44 1.90 30.70
C GLU B 89 0.07 3.06 29.86
N TYR B 90 -0.11 3.00 28.54
CA TYR B 90 0.33 4.07 27.65
C TYR B 90 -0.43 5.38 27.93
N ILE B 91 -1.74 5.27 28.11
CA ILE B 91 -2.58 6.41 28.44
C ILE B 91 -2.22 7.01 29.77
N ASP B 92 -2.02 6.18 30.79
CA ASP B 92 -1.64 6.68 32.12
C ASP B 92 -0.32 7.43 32.09
N LEU B 93 0.63 6.93 31.31
CA LEU B 93 1.94 7.50 31.25
C LEU B 93 2.01 8.70 30.31
N LYS B 94 1.41 8.59 29.13
CA LYS B 94 1.67 9.54 28.02
C LYS B 94 0.61 10.59 27.80
N VAL B 95 -0.58 10.42 28.38
CA VAL B 95 -1.64 11.39 28.19
C VAL B 95 -1.78 12.26 29.45
N ASP B 96 -1.72 13.59 29.28
CA ASP B 96 -1.70 14.51 30.42
C ASP B 96 -3.07 15.13 30.60
N GLY B 97 -3.94 14.43 31.32
CA GLY B 97 -5.27 14.91 31.60
C GLY B 97 -6.10 15.12 30.34
N GLY B 98 -7.10 15.97 30.49
CA GLY B 98 -8.03 16.27 29.41
C GLY B 98 -8.95 15.09 29.09
N ILE B 99 -9.34 15.01 27.82
CA ILE B 99 -10.27 13.99 27.35
C ILE B 99 -9.56 12.96 26.49
N VAL B 100 -9.89 11.70 26.69
CA VAL B 100 -9.56 10.62 25.73
C VAL B 100 -10.84 10.23 24.98
N ALA B 101 -10.84 10.43 23.65
CA ALA B 101 -11.99 10.07 22.82
C ALA B 101 -11.92 8.61 22.43
N TYR B 102 -13.05 7.96 22.29
CA TYR B 102 -13.07 6.54 21.95
C TYR B 102 -14.14 6.17 20.95
N LEU B 103 -13.81 5.18 20.13
CA LEU B 103 -14.76 4.47 19.29
C LEU B 103 -15.03 3.10 19.90
N GLY B 104 -16.25 2.89 20.36
CA GLY B 104 -16.63 1.65 21.01
C GLY B 104 -17.81 1.84 21.91
N THR B 105 -17.97 0.93 22.88
CA THR B 105 -19.06 0.95 23.87
C THR B 105 -18.58 1.57 25.16
N ALA B 106 -19.53 2.06 25.96
CA ALA B 106 -19.19 2.57 27.29
C ALA B 106 -18.51 1.48 28.09
N ASN B 107 -18.98 0.25 27.97
CA ASN B 107 -18.34 -0.84 28.70
C ASN B 107 -16.90 -1.03 28.28
N SER B 108 -16.62 -1.01 26.97
CA SER B 108 -15.22 -1.17 26.52
C SER B 108 -14.35 -0.09 27.11
N ALA B 109 -14.91 1.11 27.30
CA ALA B 109 -14.09 2.25 27.78
C ALA B 109 -13.90 2.29 29.30
N ASN B 110 -14.70 1.55 30.07
CA ASN B 110 -14.67 1.70 31.52
CA ASN B 110 -14.68 1.66 31.54
C ASN B 110 -13.35 1.23 32.13
N TYR B 111 -12.78 0.19 31.55
CA TYR B 111 -11.47 -0.33 31.93
C TYR B 111 -10.37 0.75 31.91
N LEU B 112 -10.52 1.71 30.99
CA LEU B 112 -9.52 2.76 30.81
C LEU B 112 -9.76 3.95 31.73
N VAL B 113 -10.95 4.06 32.30
CA VAL B 113 -11.22 5.21 33.20
C VAL B 113 -10.11 5.33 34.25
N SER B 114 -9.73 6.57 34.52
CA SER B 114 -8.69 6.86 35.50
C SER B 114 -8.78 8.31 36.00
N ASP B 115 -7.98 8.62 37.02
CA ASP B 115 -7.92 9.97 37.58
C ASP B 115 -7.21 10.92 36.61
N GLY B 116 -7.79 12.10 36.46
CA GLY B 116 -7.21 13.13 35.59
C GLY B 116 -7.79 13.16 34.19
N ILE B 117 -8.27 12.01 33.72
CA ILE B 117 -8.80 11.87 32.36
C ILE B 117 -10.30 11.56 32.30
N LYS B 118 -11.00 12.17 31.35
CA LYS B 118 -12.39 11.82 31.07
C LYS B 118 -12.45 11.06 29.75
N MSE B 119 -13.08 9.89 29.80
CA MSE B 119 -13.37 9.12 28.62
C MSE B 119 -14.63 9.68 27.99
O MSE B 119 -15.64 9.77 28.66
CB MSE B 119 -13.62 7.65 28.95
CG MSE B 119 -12.49 6.91 29.67
SE MSE B 119 -10.84 6.89 28.66
CE MSE B 119 -11.40 5.91 27.13
N LEU B 120 -14.58 10.05 26.70
CA LEU B 120 -15.80 10.40 25.94
C LEU B 120 -15.86 9.74 24.57
N PRO B 121 -17.06 9.33 24.14
CA PRO B 121 -17.13 8.82 22.77
C PRO B 121 -16.79 9.91 21.76
N VAL B 122 -16.28 9.52 20.59
CA VAL B 122 -16.09 10.53 19.51
C VAL B 122 -17.34 11.39 19.25
N SER B 123 -18.53 10.78 19.36
CA SER B 123 -19.81 11.45 19.14
C SER B 123 -20.02 12.65 20.03
N ALA B 124 -19.36 12.66 21.19
CA ALA B 124 -19.50 13.70 22.20
C ALA B 124 -18.42 14.77 22.07
N ILE B 125 -17.67 14.76 20.97
CA ILE B 125 -16.61 15.72 20.76
C ILE B 125 -17.05 16.70 19.70
N ASP B 126 -16.87 17.99 19.97
CA ASP B 126 -17.08 19.03 18.96
C ASP B 126 -16.17 20.23 19.29
N ASP B 127 -16.40 21.36 18.63
CA ASP B 127 -15.58 22.56 18.86
C ASP B 127 -15.57 23.02 20.31
N SER B 128 -16.63 22.74 21.06
CA SER B 128 -16.70 23.19 22.42
C SER B 128 -15.74 22.45 23.36
N ASN B 129 -15.28 21.24 22.98
CA ASN B 129 -14.33 20.46 23.82
C ASN B 129 -13.15 19.83 23.09
N ILE B 130 -13.04 20.02 21.78
CA ILE B 130 -11.97 19.39 21.00
C ILE B 130 -10.57 19.76 21.51
N GLY B 131 -10.43 20.97 22.03
CA GLY B 131 -9.13 21.45 22.48
C GLY B 131 -8.62 20.73 23.70
N GLU B 132 -9.49 19.95 24.35
CA GLU B 132 -9.12 19.14 25.51
C GLU B 132 -8.88 17.67 25.15
N VAL B 133 -9.10 17.29 23.89
CA VAL B 133 -8.90 15.89 23.50
C VAL B 133 -7.41 15.64 23.27
N ASN B 134 -6.84 14.77 24.11
CA ASN B 134 -5.40 14.51 24.11
C ASN B 134 -5.02 13.14 23.57
N ALA B 135 -6.01 12.30 23.26
CA ALA B 135 -5.77 10.98 22.66
C ALA B 135 -7.06 10.40 22.06
N LEU B 136 -6.91 9.49 21.08
CA LEU B 136 -8.02 8.71 20.53
C LEU B 136 -7.75 7.22 20.71
N VAL B 137 -8.69 6.49 21.29
CA VAL B 137 -8.60 5.02 21.34
C VAL B 137 -9.74 4.33 20.61
N LEU B 138 -9.38 3.33 19.79
CA LEU B 138 -10.37 2.52 19.07
C LEU B 138 -10.48 1.21 19.83
N LEU B 139 -11.68 0.92 20.35
CA LEU B 139 -11.87 -0.18 21.32
C LEU B 139 -12.80 -1.29 20.88
N ASP B 140 -13.89 -0.96 20.19
CA ASP B 140 -14.86 -1.96 19.73
C ASP B 140 -15.53 -1.42 18.46
N ASP B 141 -15.86 -2.32 17.52
CA ASP B 141 -16.53 -1.97 16.26
C ASP B 141 -18.01 -1.57 16.47
N GLU B 142 -18.57 -1.96 17.62
CA GLU B 142 -19.94 -1.67 17.98
C GLU B 142 -20.04 -0.53 18.99
N GLY B 143 -21.19 0.11 19.03
CA GLY B 143 -21.47 1.12 20.03
C GLY B 143 -21.55 2.55 19.52
N PHE B 144 -21.42 2.76 18.22
CA PHE B 144 -21.43 4.10 17.67
C PHE B 144 -21.92 4.10 16.21
N ASN B 145 -22.37 5.27 15.76
CA ASN B 145 -22.88 5.50 14.42
C ASN B 145 -21.65 5.71 13.53
N TRP B 146 -21.41 4.78 12.61
CA TRP B 146 -20.22 4.81 11.76
C TRP B 146 -20.17 6.02 10.83
N PHE B 147 -21.28 6.33 10.15
CA PHE B 147 -21.30 7.45 9.21
C PHE B 147 -20.92 8.72 9.93
N HIS B 148 -21.54 8.92 11.07
CA HIS B 148 -21.34 10.10 11.91
C HIS B 148 -19.92 10.15 12.49
N ASP B 149 -19.50 9.06 13.10
CA ASP B 149 -18.30 9.05 13.92
C ASP B 149 -17.00 8.67 13.19
N LEU B 150 -17.07 7.97 12.05
CA LEU B 150 -15.86 7.77 11.24
C LEU B 150 -15.46 9.07 10.57
N ASN B 151 -16.45 9.75 10.02
CA ASN B 151 -16.31 11.13 9.61
C ASN B 151 -15.75 12.02 10.70
N LYS B 152 -16.34 12.01 11.89
CA LYS B 152 -15.79 12.87 12.96
C LYS B 152 -14.34 12.49 13.36
N THR B 153 -14.04 11.19 13.35
CA THR B 153 -12.68 10.71 13.70
C THR B 153 -11.65 11.21 12.69
N VAL B 154 -12.01 11.15 11.41
CA VAL B 154 -11.13 11.71 10.36
C VAL B 154 -10.82 13.17 10.64
N ASN B 155 -11.85 13.96 10.94
CA ASN B 155 -11.65 15.39 11.23
C ASN B 155 -10.94 15.64 12.55
N LEU B 156 -11.19 14.80 13.54
CA LEU B 156 -10.50 14.92 14.85
C LEU B 156 -8.98 14.75 14.72
N LEU B 157 -8.58 13.78 13.92
CA LEU B 157 -7.17 13.49 13.72
C LEU B 157 -6.48 14.47 12.76
N ARG B 158 -7.24 15.10 11.87
CA ARG B 158 -6.78 16.24 11.06
C ARG B 158 -6.56 17.50 11.91
N LYS B 159 -7.33 17.62 13.00
CA LYS B 159 -7.34 18.86 13.76
C LYS B 159 -6.55 18.78 15.05
N ARG B 160 -6.31 17.60 15.58
CA ARG B 160 -5.62 17.45 16.86
C ARG B 160 -4.37 16.61 16.70
N THR B 161 -3.27 17.09 17.24
CA THR B 161 -1.99 16.39 17.14
C THR B 161 -1.89 15.46 18.34
N ILE B 162 -2.47 14.28 18.20
CA ILE B 162 -2.64 13.38 19.35
C ILE B 162 -2.37 11.92 18.93
N PRO B 163 -2.00 11.06 19.90
CA PRO B 163 -1.90 9.64 19.56
C PRO B 163 -3.27 9.00 19.25
N ALA B 164 -3.30 8.22 18.17
CA ALA B 164 -4.41 7.36 17.82
C ALA B 164 -3.98 5.91 18.06
N ILE B 165 -4.72 5.20 18.91
CA ILE B 165 -4.32 3.90 19.45
C ILE B 165 -5.38 2.84 19.13
N VAL B 166 -4.98 1.65 18.68
CA VAL B 166 -5.90 0.49 18.55
C VAL B 166 -5.15 -0.80 18.92
N ALA B 167 -5.90 -1.82 19.34
CA ALA B 167 -5.36 -3.21 19.40
C ALA B 167 -5.13 -3.71 17.99
N ASN B 168 -4.04 -4.46 17.81
CA ASN B 168 -3.71 -4.94 16.47
C ASN B 168 -4.57 -6.15 16.09
N THR B 169 -5.89 -5.98 16.04
CA THR B 169 -6.76 -7.13 15.79
C THR B 169 -6.64 -7.47 14.32
N ASP B 170 -7.13 -8.64 13.93
CA ASP B 170 -7.34 -8.92 12.51
C ASP B 170 -8.34 -7.86 11.98
N ASN B 171 -8.33 -7.63 10.67
CA ASN B 171 -9.26 -6.66 10.07
C ASN B 171 -10.71 -7.11 10.11
N THR B 172 -10.95 -8.42 10.07
CA THR B 172 -12.30 -8.95 10.17
C THR B 172 -12.32 -10.08 11.20
N TYR B 173 -13.50 -10.42 11.70
CA TYR B 173 -13.69 -11.64 12.46
C TYR B 173 -14.90 -12.43 11.95
N PRO B 174 -14.85 -13.75 12.07
CA PRO B 174 -15.99 -14.56 11.68
C PRO B 174 -17.20 -14.36 12.61
N LEU B 175 -18.37 -14.19 12.00
CA LEU B 175 -19.60 -13.90 12.72
C LEU B 175 -20.54 -15.11 12.67
N THR B 176 -20.62 -15.72 11.50
CA THR B 176 -21.33 -16.97 11.32
C THR B 176 -20.39 -17.88 10.53
N LYS B 177 -20.88 -19.07 10.20
CA LYS B 177 -20.18 -19.99 9.30
C LYS B 177 -19.84 -19.37 7.94
N THR B 178 -20.70 -18.49 7.44
CA THR B 178 -20.51 -17.87 6.11
C THR B 178 -20.01 -16.42 6.14
N ASP B 179 -20.38 -15.66 7.18
CA ASP B 179 -20.17 -14.21 7.23
C ASP B 179 -19.08 -13.76 8.20
N VAL B 180 -18.39 -12.68 7.83
CA VAL B 180 -17.42 -12.04 8.70
C VAL B 180 -17.96 -10.66 9.07
N ALA B 181 -17.33 -10.06 10.07
CA ALA B 181 -17.62 -8.71 10.45
C ALA B 181 -16.31 -7.94 10.50
N ILE B 182 -16.37 -6.64 10.24
CA ILE B 182 -15.21 -5.76 10.35
C ILE B 182 -14.88 -5.52 11.82
N ALA B 183 -13.62 -5.82 12.18
CA ALA B 183 -13.14 -5.71 13.56
C ALA B 183 -12.63 -4.31 13.80
N ILE B 184 -12.34 -4.01 15.07
CA ILE B 184 -11.89 -2.67 15.45
C ILE B 184 -10.52 -2.33 14.76
N GLY B 185 -9.65 -3.34 14.59
CA GLY B 185 -8.40 -3.14 13.84
C GLY B 185 -8.68 -2.81 12.39
N GLY B 186 -9.76 -3.36 11.86
CA GLY B 186 -10.15 -3.10 10.51
C GLY B 186 -10.72 -1.70 10.38
N VAL B 187 -11.41 -1.24 11.40
CA VAL B 187 -11.91 0.14 11.41
C VAL B 187 -10.71 1.10 11.34
N ALA B 188 -9.68 0.86 12.14
CA ALA B 188 -8.42 1.62 11.99
C ALA B 188 -7.89 1.52 10.59
N THR B 189 -7.83 0.31 10.03
CA THR B 189 -7.29 0.17 8.69
C THR B 189 -8.05 1.04 7.69
N MSE B 190 -9.36 1.06 7.82
CA MSE B 190 -10.19 1.83 6.91
C MSE B 190 -9.91 3.28 7.10
O MSE B 190 -9.79 4.01 6.13
CB MSE B 190 -11.67 1.56 7.13
CG MSE B 190 -12.12 0.13 6.87
SE MSE B 190 -14.08 -0.01 7.10
CE MSE B 190 -14.30 0.63 8.76
N ILE B 191 -9.78 3.72 8.35
CA ILE B 191 -9.43 5.13 8.64
C ILE B 191 -8.06 5.49 8.03
N GLU B 192 -7.10 4.59 8.20
CA GLU B 192 -5.77 4.80 7.64
C GLU B 192 -5.73 4.79 6.11
N SER B 193 -6.70 4.13 5.46
CA SER B 193 -6.78 4.18 4.00
C SER B 193 -7.11 5.58 3.49
N ILE B 194 -7.72 6.41 4.35
CA ILE B 194 -8.05 7.79 4.02
CA ILE B 194 -8.07 7.79 4.03
C ILE B 194 -6.96 8.75 4.47
N LEU B 195 -6.49 8.57 5.70
CA LEU B 195 -5.50 9.48 6.28
C LEU B 195 -4.03 9.13 6.09
N GLY B 196 -3.71 7.93 5.62
CA GLY B 196 -2.37 7.40 5.77
C GLY B 196 -2.17 6.67 7.11
N ARG B 197 -1.04 5.97 7.26
CA ARG B 197 -0.77 5.28 8.53
C ARG B 197 -0.76 6.30 9.67
N ARG B 198 -1.31 5.93 10.80
CA ARG B 198 -1.62 6.95 11.81
C ARG B 198 -1.85 6.37 13.19
N PHE B 199 -2.06 5.06 13.26
CA PHE B 199 -2.39 4.40 14.51
C PHE B 199 -1.18 3.69 15.07
N ILE B 200 -0.98 3.89 16.37
CA ILE B 200 -0.10 3.09 17.20
C ILE B 200 -0.91 1.84 17.48
N ARG B 201 -0.35 0.70 17.08
CA ARG B 201 -1.02 -0.58 17.26
C ARG B 201 -0.29 -1.37 18.36
N PHE B 202 -1.04 -1.90 19.32
CA PHE B 202 -0.48 -2.67 20.43
C PHE B 202 -0.90 -4.13 20.32
N GLY B 203 0.01 -5.02 20.66
CA GLY B 203 -0.27 -6.42 20.68
C GLY B 203 0.60 -7.16 19.70
N LYS B 204 0.33 -8.46 19.57
CA LYS B 204 1.04 -9.33 18.64
C LYS B 204 0.95 -8.76 17.26
N PRO B 205 2.04 -8.82 16.48
CA PRO B 205 3.28 -9.53 16.70
C PRO B 205 4.37 -8.79 17.48
N ASP B 206 4.04 -7.72 18.18
CA ASP B 206 4.98 -7.05 19.08
C ASP B 206 5.27 -8.04 20.21
N SER B 207 6.23 -7.76 21.06
CA SER B 207 6.66 -8.72 22.07
C SER B 207 6.51 -8.30 23.54
N GLN B 208 5.83 -7.17 23.78
CA GLN B 208 5.68 -6.67 25.14
C GLN B 208 4.88 -7.58 26.03
N MSE B 209 3.81 -8.13 25.49
CA MSE B 209 2.98 -9.00 26.29
C MSE B 209 3.71 -10.27 26.65
O MSE B 209 3.57 -10.76 27.80
CB MSE B 209 1.68 -9.31 25.54
CG MSE B 209 0.69 -8.14 25.51
SE MSE B 209 -1.03 -8.76 24.79
CE MSE B 209 -0.46 -9.30 22.90
N PHE B 210 4.46 -10.80 25.68
CA PHE B 210 5.29 -11.99 25.86
C PHE B 210 6.32 -11.73 26.95
N MSE B 211 6.97 -10.57 26.91
CA MSE B 211 8.03 -10.24 27.87
C MSE B 211 7.47 -10.15 29.29
O MSE B 211 8.14 -10.54 30.27
CB MSE B 211 8.69 -8.92 27.50
CG MSE B 211 9.83 -8.52 28.43
SE MSE B 211 11.24 -9.87 28.45
CE MSE B 211 11.47 -10.12 30.37
N PHE B 212 6.26 -9.61 29.41
CA PHE B 212 5.57 -9.55 30.70
C PHE B 212 5.34 -10.94 31.32
N ALA B 213 4.79 -11.83 30.50
CA ALA B 213 4.53 -13.19 30.91
C ALA B 213 5.85 -13.90 31.22
N TYR B 214 6.83 -13.72 30.32
CA TYR B 214 8.12 -14.38 30.47
C TYR B 214 8.79 -13.97 31.78
N ASP B 215 8.76 -12.67 32.06
CA ASP B 215 9.31 -12.13 33.28
C ASP B 215 8.66 -12.75 34.53
N MSE B 216 7.34 -12.86 34.51
CA MSE B 216 6.63 -13.42 35.63
C MSE B 216 7.00 -14.88 35.86
O MSE B 216 7.14 -15.33 36.99
CB MSE B 216 5.13 -13.26 35.45
CG MSE B 216 4.61 -11.85 35.80
SE MSE B 216 2.65 -11.83 35.86
CE MSE B 216 2.34 -10.05 36.99
N LEU B 217 7.17 -15.63 34.77
CA LEU B 217 7.59 -17.03 34.86
C LEU B 217 9.03 -17.14 35.46
N ARG B 218 9.94 -16.31 34.97
CA ARG B 218 11.30 -16.28 35.47
C ARG B 218 11.40 -15.97 36.96
N GLN B 219 10.38 -15.30 37.51
CA GLN B 219 10.36 -15.02 38.94
C GLN B 219 10.10 -16.27 39.76
N LYS B 220 9.68 -17.36 39.14
CA LYS B 220 9.35 -18.56 39.90
C LYS B 220 9.93 -19.87 39.38
N MSE B 221 10.67 -19.81 38.27
CA MSE B 221 11.31 -21.02 37.75
C MSE B 221 12.44 -20.75 36.81
O MSE B 221 12.56 -19.65 36.27
CB MSE B 221 10.26 -21.87 37.03
CG MSE B 221 9.85 -21.30 35.69
SE MSE B 221 8.29 -22.23 34.90
CE MSE B 221 8.85 -24.20 35.16
N GLU B 222 13.24 -21.78 36.56
CA GLU B 222 14.22 -21.71 35.46
C GLU B 222 13.49 -21.96 34.16
N ILE B 223 13.57 -20.99 33.24
CA ILE B 223 12.86 -21.10 31.98
C ILE B 223 13.55 -20.28 30.93
N SER B 224 13.64 -20.83 29.73
CA SER B 224 14.11 -20.09 28.57
C SER B 224 12.94 -19.96 27.58
N LYS B 225 13.10 -19.04 26.65
CA LYS B 225 12.03 -18.67 25.71
C LYS B 225 11.63 -19.83 24.79
N ARG B 226 12.60 -20.67 24.41
CA ARG B 226 12.28 -21.84 23.61
C ARG B 226 11.49 -22.93 24.38
N GLU B 227 11.42 -22.79 25.71
CA GLU B 227 10.61 -23.67 26.55
C GLU B 227 9.22 -23.14 26.77
N ILE B 228 8.84 -22.13 25.99
CA ILE B 228 7.48 -21.63 25.94
C ILE B 228 6.94 -21.91 24.55
N LEU B 229 5.67 -22.38 24.48
CA LEU B 229 4.98 -22.58 23.20
C LEU B 229 3.88 -21.53 22.99
N MSE B 230 3.99 -20.76 21.93
CA MSE B 230 2.92 -19.87 21.48
C MSE B 230 1.98 -20.62 20.53
O MSE B 230 2.42 -21.18 19.54
CB MSE B 230 3.49 -18.66 20.76
CG MSE B 230 2.44 -17.76 20.10
SE MSE B 230 1.33 -16.82 21.44
CE MSE B 230 -0.38 -16.85 20.60
N VAL B 231 0.69 -20.66 20.85
CA VAL B 231 -0.29 -21.43 20.08
C VAL B 231 -1.26 -20.47 19.38
N GLY B 232 -1.29 -20.48 18.05
CA GLY B 232 -2.15 -19.55 17.35
C GLY B 232 -2.63 -20.00 15.98
N ASP B 233 -3.64 -19.29 15.48
CA ASP B 233 -4.22 -19.60 14.18
C ASP B 233 -3.76 -18.66 13.07
N THR B 234 -3.05 -17.60 13.44
CA THR B 234 -2.69 -16.55 12.47
C THR B 234 -1.18 -16.39 12.31
N LEU B 235 -0.69 -16.52 11.07
CA LEU B 235 0.76 -16.52 10.84
C LEU B 235 1.42 -15.18 11.12
N HIS B 236 0.79 -14.09 10.69
CA HIS B 236 1.41 -12.78 10.74
C HIS B 236 1.28 -12.12 12.11
N THR B 237 0.54 -12.72 13.04
CA THR B 237 0.46 -12.17 14.40
C THR B 237 1.05 -13.15 15.42
N ASP B 238 0.35 -14.26 15.67
CA ASP B 238 0.80 -15.24 16.66
C ASP B 238 2.14 -15.88 16.31
N ILE B 239 2.28 -16.34 15.07
CA ILE B 239 3.43 -17.20 14.72
C ILE B 239 4.67 -16.34 14.50
N LEU B 240 4.52 -15.32 13.66
CA LEU B 240 5.57 -14.32 13.43
C LEU B 240 6.01 -13.72 14.76
N GLY B 241 5.08 -13.23 15.57
CA GLY B 241 5.43 -12.62 16.85
C GLY B 241 6.17 -13.59 17.78
N GLY B 242 5.62 -14.79 17.97
CA GLY B 242 6.27 -15.82 18.77
C GLY B 242 7.68 -16.09 18.30
N ASN B 243 7.83 -16.37 17.02
CA ASN B 243 9.13 -16.66 16.42
C ASN B 243 10.19 -15.53 16.62
N LYS B 244 9.81 -14.28 16.36
CA LYS B 244 10.72 -13.15 16.58
C LYS B 244 11.19 -13.03 18.05
N PHE B 245 10.31 -13.33 18.98
CA PHE B 245 10.67 -13.24 20.36
C PHE B 245 11.47 -14.45 20.85
N GLY B 246 11.56 -15.50 20.04
CA GLY B 246 12.32 -16.70 20.41
C GLY B 246 11.47 -17.83 20.96
N LEU B 247 10.16 -17.65 21.00
CA LEU B 247 9.26 -18.70 21.46
C LEU B 247 9.21 -19.83 20.42
N ASP B 248 8.92 -21.06 20.84
CA ASP B 248 8.48 -22.06 19.86
C ASP B 248 7.05 -21.66 19.56
N THR B 249 6.57 -22.09 18.39
CA THR B 249 5.25 -21.75 17.94
C THR B 249 4.53 -22.97 17.36
N ALA B 250 3.23 -23.07 17.65
CA ALA B 250 2.36 -24.08 17.09
C ALA B 250 1.23 -23.39 16.36
N LEU B 251 1.15 -23.61 15.04
CA LEU B 251 0.00 -23.21 14.26
C LEU B 251 -1.11 -24.26 14.38
N VAL B 252 -2.29 -23.79 14.80
CA VAL B 252 -3.48 -24.64 14.78
C VAL B 252 -4.33 -24.28 13.59
N LEU B 253 -5.10 -25.26 13.11
CA LEU B 253 -5.82 -25.14 11.85
C LEU B 253 -7.31 -24.82 12.04
N THR B 254 -7.69 -24.44 13.26
CA THR B 254 -9.09 -24.25 13.60
C THR B 254 -9.60 -22.83 13.42
N GLY B 255 -8.81 -21.99 12.76
CA GLY B 255 -9.10 -20.56 12.66
C GLY B 255 -8.76 -19.95 11.32
N ASN B 256 -8.06 -18.82 11.33
CA ASN B 256 -7.71 -18.09 10.12
C ASN B 256 -6.91 -18.84 9.09
N THR B 257 -6.11 -19.83 9.51
CA THR B 257 -5.33 -20.61 8.56
C THR B 257 -6.02 -21.94 8.32
N ARG B 258 -6.70 -22.06 7.19
CA ARG B 258 -7.40 -23.31 6.84
C ARG B 258 -6.41 -24.35 6.33
N ILE B 259 -6.69 -25.60 6.60
CA ILE B 259 -5.81 -26.68 6.21
C ILE B 259 -5.38 -26.65 4.72
N ASP B 260 -6.32 -26.35 3.82
CA ASP B 260 -6.07 -26.31 2.38
C ASP B 260 -5.13 -25.19 1.99
N ASP B 261 -5.01 -24.17 2.84
CA ASP B 261 -4.21 -22.98 2.53
C ASP B 261 -2.90 -22.88 3.30
N ALA B 262 -2.73 -23.68 4.33
CA ALA B 262 -1.57 -23.53 5.21
C ALA B 262 -0.22 -23.54 4.50
N GLU B 263 0.04 -24.53 3.64
CA GLU B 263 1.36 -24.62 3.00
C GLU B 263 1.61 -23.41 2.14
N THR B 264 0.57 -23.02 1.40
CA THR B 264 0.63 -21.85 0.54
C THR B 264 0.87 -20.58 1.30
N LYS B 265 0.15 -20.37 2.39
CA LYS B 265 0.38 -19.18 3.22
C LYS B 265 1.74 -19.23 3.84
N ILE B 266 2.16 -20.41 4.30
CA ILE B 266 3.48 -20.50 4.95
C ILE B 266 4.60 -20.16 3.93
N LYS B 267 4.42 -20.67 2.72
CA LYS B 267 5.34 -20.45 1.61
C LYS B 267 5.36 -18.99 1.07
N SER B 268 4.20 -18.33 1.05
CA SER B 268 4.16 -16.93 0.58
C SER B 268 4.67 -15.90 1.60
N THR B 269 4.52 -16.20 2.88
CA THR B 269 4.98 -15.27 3.91
C THR B 269 6.38 -15.63 4.39
N GLY B 270 6.79 -16.88 4.18
CA GLY B 270 8.00 -17.40 4.84
C GLY B 270 7.92 -17.44 6.37
N ILE B 271 6.70 -17.37 6.92
CA ILE B 271 6.51 -17.51 8.33
C ILE B 271 6.33 -18.99 8.66
N VAL B 272 7.37 -19.59 9.26
CA VAL B 272 7.40 -21.04 9.52
C VAL B 272 7.15 -21.35 11.00
N PRO B 273 6.07 -22.09 11.30
CA PRO B 273 5.83 -22.47 12.65
C PRO B 273 6.71 -23.65 13.05
N THR B 274 7.09 -23.71 14.32
CA THR B 274 7.81 -24.84 14.85
C THR B 274 7.01 -26.13 14.65
N HIS B 275 5.70 -26.07 14.87
CA HIS B 275 4.80 -27.21 14.73
C HIS B 275 3.46 -26.80 14.15
N ILE B 276 2.78 -27.77 13.54
CA ILE B 276 1.43 -27.59 13.03
C ILE B 276 0.57 -28.65 13.70
N CYS B 277 -0.59 -28.24 14.19
CA CYS B 277 -1.55 -29.13 14.84
C CYS B 277 -2.92 -28.82 14.32
N GLU B 278 -3.75 -29.86 14.24
CA GLU B 278 -5.15 -29.72 13.86
C GLU B 278 -5.83 -28.69 14.77
N SER B 279 -5.73 -28.88 16.08
CA SER B 279 -6.30 -27.96 17.03
C SER B 279 -5.63 -28.10 18.39
N ALA B 280 -5.98 -27.21 19.31
CA ALA B 280 -5.47 -27.23 20.69
C ALA B 280 -6.35 -28.05 21.62
N VAL B 281 -7.37 -28.70 21.07
CA VAL B 281 -8.22 -29.61 21.86
C VAL B 281 -7.50 -30.95 22.09
N ILE B 282 -7.34 -31.32 23.36
CA ILE B 282 -6.77 -32.61 23.77
C ILE B 282 -7.96 -33.55 24.01
N GLU B 283 -8.11 -34.57 23.18
CA GLU B 283 -9.13 -35.62 23.37
C GLU B 283 -8.98 -36.35 24.72
N LEU B 284 -10.10 -36.58 25.39
CA LEU B 284 -10.11 -37.17 26.74
C LEU B 284 -9.61 -38.62 26.72
N GLY C 1 -18.07 -21.48 -10.25
CA GLY C 1 -18.29 -21.96 -11.64
C GLY C 1 -17.22 -21.46 -12.59
N MSE C 2 -16.86 -22.30 -13.57
CA MSE C 2 -15.80 -21.96 -14.54
C MSE C 2 -15.99 -22.77 -15.85
O MSE C 2 -15.56 -23.92 -15.94
CB MSE C 2 -14.48 -22.28 -13.87
CG MSE C 2 -13.45 -21.19 -13.96
SE MSE C 2 -12.27 -21.45 -15.43
CE MSE C 2 -11.76 -23.38 -15.29
N GLN C 3 -16.63 -22.13 -16.84
CA GLN C 3 -16.99 -22.77 -18.12
CA GLN C 3 -16.96 -22.80 -18.11
C GLN C 3 -15.97 -22.43 -19.19
N ILE C 4 -15.15 -23.40 -19.60
CA ILE C 4 -14.22 -23.24 -20.70
C ILE C 4 -14.88 -23.47 -22.06
N GLU C 5 -14.58 -22.60 -23.02
CA GLU C 5 -15.13 -22.66 -24.39
C GLU C 5 -14.04 -22.78 -25.46
N SER C 6 -14.45 -23.25 -26.63
CA SER C 6 -13.57 -23.27 -27.79
C SER C 6 -13.31 -21.87 -28.34
N PHE C 7 -12.04 -21.47 -28.39
CA PHE C 7 -11.69 -20.19 -28.99
C PHE C 7 -12.18 -20.04 -30.41
N LYS C 8 -11.92 -21.05 -31.23
CA LYS C 8 -12.34 -21.02 -32.64
C LYS C 8 -13.86 -20.77 -32.78
N SER C 9 -14.63 -21.38 -31.89
CA SER C 9 -16.09 -21.24 -31.93
C SER C 9 -16.55 -19.79 -31.71
N LEU C 10 -15.77 -19.03 -30.94
CA LEU C 10 -16.11 -17.65 -30.62
C LEU C 10 -15.94 -16.69 -31.78
N LEU C 11 -14.99 -17.00 -32.68
CA LEU C 11 -14.41 -16.01 -33.61
C LEU C 11 -15.34 -15.44 -34.70
N PRO C 12 -16.32 -16.22 -35.20
CA PRO C 12 -17.24 -15.64 -36.22
C PRO C 12 -18.06 -14.45 -35.79
N LYS C 13 -18.15 -14.17 -34.49
CA LYS C 13 -18.91 -13.01 -34.01
C LYS C 13 -18.22 -11.68 -34.36
N TYR C 14 -16.93 -11.71 -34.66
CA TYR C 14 -16.10 -10.51 -34.61
C TYR C 14 -15.54 -10.14 -35.97
N LYS C 15 -15.37 -8.84 -36.21
CA LYS C 15 -14.65 -8.35 -37.40
C LYS C 15 -13.13 -8.17 -37.17
N CYS C 16 -12.72 -7.95 -35.91
CA CYS C 16 -11.31 -7.76 -35.54
C CYS C 16 -10.99 -8.37 -34.17
N ILE C 17 -9.84 -9.03 -34.06
CA ILE C 17 -9.38 -9.56 -32.79
C ILE C 17 -8.20 -8.73 -32.30
N PHE C 18 -8.25 -8.26 -31.06
CA PHE C 18 -7.05 -7.66 -30.43
C PHE C 18 -6.37 -8.70 -29.61
N PHE C 19 -5.12 -9.03 -29.92
CA PHE C 19 -4.36 -10.01 -29.12
C PHE C 19 -3.29 -9.35 -28.26
N ASP C 20 -3.31 -9.68 -26.96
CA ASP C 20 -2.11 -9.56 -26.13
C ASP C 20 -1.05 -10.50 -26.74
N ALA C 21 0.23 -10.24 -26.49
CA ALA C 21 1.30 -11.08 -27.06
C ALA C 21 1.80 -12.10 -26.03
N PHE C 22 2.40 -11.61 -24.96
CA PHE C 22 2.99 -12.56 -24.00
C PHE C 22 1.98 -13.38 -23.23
N GLY C 23 2.17 -14.69 -23.27
CA GLY C 23 1.27 -15.63 -22.65
C GLY C 23 0.08 -15.95 -23.52
N VAL C 24 0.03 -15.36 -24.73
CA VAL C 24 -1.09 -15.55 -25.63
C VAL C 24 -0.62 -16.10 -27.00
N LEU C 25 0.35 -15.41 -27.58
CA LEU C 25 0.97 -15.82 -28.84
C LEU C 25 2.30 -16.54 -28.65
N LYS C 26 2.90 -16.34 -27.47
CA LYS C 26 4.23 -16.82 -27.19
C LYS C 26 4.47 -16.84 -25.67
N THR C 27 5.48 -17.60 -25.26
CA THR C 27 5.89 -17.69 -23.87
C THR C 27 7.39 -17.60 -23.83
N TYR C 28 7.98 -17.87 -22.67
CA TYR C 28 9.42 -17.92 -22.54
C TYR C 28 10.05 -18.93 -23.49
N ASN C 29 9.30 -20.00 -23.78
CA ASN C 29 9.67 -21.02 -24.77
C ASN C 29 9.56 -20.64 -26.26
N GLY C 30 9.21 -19.38 -26.55
CA GLY C 30 9.02 -18.94 -27.93
C GLY C 30 7.56 -19.01 -28.34
N LEU C 31 7.29 -19.06 -29.64
CA LEU C 31 5.90 -19.08 -30.12
C LEU C 31 5.13 -20.24 -29.53
N LEU C 32 3.85 -20.05 -29.27
CA LEU C 32 3.01 -21.17 -28.91
C LEU C 32 2.89 -22.02 -30.18
N PRO C 33 3.08 -23.35 -30.07
CA PRO C 33 3.13 -24.18 -31.27
C PRO C 33 1.79 -24.16 -32.00
N GLY C 34 1.81 -23.96 -33.31
CA GLY C 34 0.59 -23.89 -34.09
C GLY C 34 -0.12 -22.53 -34.14
N ILE C 35 0.39 -21.54 -33.41
CA ILE C 35 -0.25 -20.21 -33.38
C ILE C 35 -0.40 -19.60 -34.78
N GLU C 36 0.48 -19.95 -35.72
CA GLU C 36 0.31 -19.56 -37.13
C GLU C 36 -1.06 -19.93 -37.71
N ASN C 37 -1.62 -21.06 -37.31
CA ASN C 37 -2.94 -21.46 -37.81
C ASN C 37 -3.96 -20.36 -37.55
N THR C 38 -3.85 -19.72 -36.37
CA THR C 38 -4.81 -18.71 -35.97
C THR C 38 -4.82 -17.54 -36.94
N PHE C 39 -3.63 -17.03 -37.27
CA PHE C 39 -3.52 -15.90 -38.17
C PHE C 39 -3.87 -16.24 -39.63
N ASP C 40 -3.51 -17.44 -40.06
CA ASP C 40 -3.91 -17.92 -41.36
C ASP C 40 -5.42 -18.01 -41.42
N TYR C 41 -6.06 -18.56 -40.38
CA TYR C 41 -7.52 -18.65 -40.35
C TYR C 41 -8.19 -17.28 -40.45
N LEU C 42 -7.74 -16.30 -39.66
CA LEU C 42 -8.39 -15.01 -39.64
C LEU C 42 -8.27 -14.34 -41.00
N LYS C 43 -7.09 -14.43 -41.61
CA LYS C 43 -6.87 -13.89 -42.96
C LYS C 43 -7.81 -14.54 -43.99
N ALA C 44 -7.94 -15.86 -43.95
CA ALA C 44 -8.85 -16.57 -44.85
C ALA C 44 -10.28 -16.10 -44.67
N GLN C 45 -10.68 -15.81 -43.44
CA GLN C 45 -12.07 -15.42 -43.12
C GLN C 45 -12.35 -13.94 -43.33
N GLY C 46 -11.35 -13.18 -43.78
CA GLY C 46 -11.49 -11.75 -43.92
C GLY C 46 -11.58 -11.02 -42.57
N GLN C 47 -10.99 -11.58 -41.52
CA GLN C 47 -10.97 -10.94 -40.20
C GLN C 47 -9.68 -10.17 -39.92
N ASP C 48 -9.77 -9.00 -39.31
CA ASP C 48 -8.55 -8.27 -38.90
C ASP C 48 -8.00 -8.67 -37.53
N TYR C 49 -6.76 -8.28 -37.26
CA TYR C 49 -6.14 -8.46 -35.96
C TYR C 49 -5.24 -7.25 -35.68
N TYR C 50 -5.06 -6.95 -34.40
CA TYR C 50 -3.95 -6.14 -33.97
C TYR C 50 -3.34 -6.79 -32.74
N ILE C 51 -2.06 -6.57 -32.53
CA ILE C 51 -1.40 -6.93 -31.29
CA ILE C 51 -1.38 -6.93 -31.30
C ILE C 51 -1.47 -5.68 -30.42
N VAL C 52 -1.90 -5.85 -29.17
CA VAL C 52 -2.00 -4.75 -28.23
C VAL C 52 -1.13 -5.12 -27.05
N THR C 53 -0.02 -4.42 -26.92
CA THR C 53 1.04 -4.86 -26.04
C THR C 53 1.65 -3.73 -25.21
N ASN C 54 1.93 -4.02 -23.94
CA ASN C 54 2.61 -3.08 -23.09
C ASN C 54 4.11 -3.27 -23.17
N ASP C 55 4.57 -4.03 -24.15
CA ASP C 55 6.01 -4.11 -24.40
C ASP C 55 6.40 -2.92 -25.22
N ALA C 56 7.10 -1.99 -24.60
CA ALA C 56 7.61 -0.82 -25.28
C ALA C 56 9.13 -0.81 -25.20
N SER C 57 9.75 -2.00 -25.14
CA SER C 57 11.22 -2.13 -25.08
C SER C 57 11.94 -1.91 -26.43
N ARG C 58 11.17 -1.90 -27.52
CA ARG C 58 11.73 -1.65 -28.83
C ARG C 58 10.59 -1.23 -29.76
N SER C 59 10.99 -0.76 -30.94
CA SER C 59 10.05 -0.22 -31.91
C SER C 59 9.13 -1.33 -32.40
N PRO C 60 7.94 -0.96 -32.88
CA PRO C 60 7.01 -1.89 -33.56
C PRO C 60 7.67 -2.68 -34.67
N GLU C 61 8.52 -2.02 -35.43
CA GLU C 61 9.27 -2.69 -36.51
C GLU C 61 10.19 -3.80 -35.95
N GLN C 62 10.89 -3.53 -34.85
CA GLN C 62 11.69 -4.59 -34.25
C GLN C 62 10.84 -5.64 -33.56
N LEU C 63 9.69 -5.25 -33.01
CA LEU C 63 8.81 -6.25 -32.41
C LEU C 63 8.29 -7.21 -33.50
N ALA C 64 7.95 -6.66 -34.67
CA ALA C 64 7.50 -7.48 -35.79
C ALA C 64 8.64 -8.35 -36.23
N ASP C 65 9.82 -7.76 -36.36
CA ASP C 65 10.97 -8.50 -36.86
C ASP C 65 11.28 -9.71 -35.98
N SER C 66 11.01 -9.57 -34.70
CA SER C 66 11.25 -10.66 -33.79
C SER C 66 10.30 -11.86 -34.05
N TYR C 67 9.06 -11.58 -34.49
CA TYR C 67 8.18 -12.69 -34.91
C TYR C 67 8.70 -13.34 -36.19
N HIS C 68 9.17 -12.52 -37.13
CA HIS C 68 9.68 -13.00 -38.41
C HIS C 68 10.84 -13.91 -38.20
N LYS C 69 11.75 -13.52 -37.33
CA LYS C 69 12.88 -14.38 -36.96
C LYS C 69 12.41 -15.73 -36.42
N LEU C 70 11.28 -15.76 -35.74
CA LEU C 70 10.73 -17.03 -35.23
C LEU C 70 9.85 -17.80 -36.23
N GLY C 71 9.67 -17.27 -37.44
CA GLY C 71 8.98 -17.99 -38.48
C GLY C 71 7.51 -17.65 -38.57
N LEU C 72 7.07 -16.59 -37.88
CA LEU C 72 5.69 -16.10 -37.97
C LEU C 72 5.63 -14.77 -38.73
N PHE C 73 5.40 -14.88 -40.03
CA PHE C 73 5.49 -13.77 -40.95
C PHE C 73 4.17 -13.03 -41.06
N SER C 74 3.12 -13.55 -40.43
CA SER C 74 1.82 -12.95 -40.52
C SER C 74 1.67 -11.71 -39.65
N ILE C 75 2.59 -11.49 -38.69
CA ILE C 75 2.57 -10.29 -37.84
C ILE C 75 3.47 -9.23 -38.42
N THR C 76 2.90 -8.08 -38.76
CA THR C 76 3.66 -7.01 -39.37
C THR C 76 3.57 -5.73 -38.49
N ALA C 77 4.52 -4.82 -38.67
CA ALA C 77 4.69 -3.71 -37.74
C ALA C 77 3.45 -2.80 -37.66
N ASP C 78 2.76 -2.64 -38.77
CA ASP C 78 1.55 -1.83 -38.88
C ASP C 78 0.36 -2.41 -38.06
N LYS C 79 0.45 -3.67 -37.68
CA LYS C 79 -0.55 -4.29 -36.83
C LYS C 79 -0.13 -4.39 -35.35
N ILE C 80 1.03 -3.88 -34.97
CA ILE C 80 1.44 -3.89 -33.56
C ILE C 80 1.12 -2.54 -32.92
N ILE C 81 0.27 -2.57 -31.91
CA ILE C 81 -0.03 -1.36 -31.10
C ILE C 81 0.65 -1.52 -29.74
N SER C 82 1.70 -0.72 -29.54
CA SER C 82 2.55 -0.82 -28.37
C SER C 82 2.38 0.42 -27.50
N SER C 83 2.47 0.24 -26.19
CA SER C 83 2.39 1.38 -25.28
C SER C 83 3.56 2.35 -25.49
N GLY C 84 4.65 1.86 -26.11
CA GLY C 84 5.78 2.71 -26.54
C GLY C 84 5.40 3.88 -27.44
N MSE C 85 4.32 3.67 -28.19
CA MSE C 85 3.85 4.66 -29.12
CA MSE C 85 3.75 4.66 -29.12
C MSE C 85 3.16 5.81 -28.35
O MSE C 85 3.26 6.96 -28.73
CB MSE C 85 2.96 3.96 -30.19
CB MSE C 85 2.64 4.02 -30.01
CG MSE C 85 3.71 2.85 -31.04
CG MSE C 85 1.33 4.84 -30.19
SE MSE C 85 2.65 1.42 -32.03
SE MSE C 85 -0.16 3.83 -30.98
CE MSE C 85 1.22 2.55 -32.72
CE MSE C 85 -1.62 4.55 -29.93
N ILE C 86 2.51 5.48 -27.23
CA ILE C 86 1.92 6.52 -26.39
CA ILE C 86 1.92 6.51 -26.38
C ILE C 86 3.05 7.34 -25.76
N THR C 87 4.09 6.67 -25.28
CA THR C 87 5.28 7.33 -24.68
C THR C 87 5.92 8.31 -25.67
N LYS C 88 6.15 7.83 -26.89
CA LYS C 88 6.73 8.61 -27.98
C LYS C 88 5.90 9.85 -28.25
N GLU C 89 4.59 9.68 -28.38
CA GLU C 89 3.72 10.81 -28.58
CA GLU C 89 3.67 10.79 -28.56
C GLU C 89 3.74 11.78 -27.38
N TYR C 90 3.76 11.27 -26.16
CA TYR C 90 3.83 12.11 -24.96
C TYR C 90 5.09 12.96 -24.99
N ILE C 91 6.22 12.34 -25.24
CA ILE C 91 7.47 13.06 -25.34
C ILE C 91 7.39 14.18 -26.37
N ASP C 92 6.82 13.87 -27.54
CA ASP C 92 6.65 14.85 -28.64
C ASP C 92 5.79 16.05 -28.21
N LEU C 93 4.62 15.77 -27.66
CA LEU C 93 3.60 16.78 -27.41
C LEU C 93 3.66 17.43 -26.01
N LYS C 94 4.22 16.77 -25.01
CA LYS C 94 4.16 17.28 -23.64
C LYS C 94 5.51 17.59 -23.00
N VAL C 95 6.62 17.28 -23.65
CA VAL C 95 7.96 17.54 -23.09
C VAL C 95 8.60 18.59 -23.99
N ASP C 96 8.99 19.73 -23.43
CA ASP C 96 9.46 20.88 -24.24
C ASP C 96 10.99 21.00 -24.35
N GLY C 97 11.56 20.35 -25.36
CA GLY C 97 12.97 20.39 -25.60
C GLY C 97 13.68 19.75 -24.44
N GLY C 98 15.00 19.92 -24.43
CA GLY C 98 15.81 19.42 -23.35
C GLY C 98 16.12 17.96 -23.52
N ILE C 99 16.47 17.33 -22.40
CA ILE C 99 16.88 15.95 -22.37
C ILE C 99 15.74 15.08 -21.82
N VAL C 100 15.58 13.89 -22.39
CA VAL C 100 14.74 12.86 -21.80
C VAL C 100 15.69 11.76 -21.38
N ALA C 101 15.81 11.54 -20.08
CA ALA C 101 16.72 10.56 -19.49
C ALA C 101 16.02 9.21 -19.55
N TYR C 102 16.79 8.11 -19.68
CA TYR C 102 16.19 6.78 -19.70
C TYR C 102 17.01 5.73 -18.97
N LEU C 103 16.28 4.71 -18.52
CA LEU C 103 16.82 3.47 -18.04
C LEU C 103 16.46 2.43 -19.09
N GLY C 104 17.46 1.85 -19.72
CA GLY C 104 17.26 0.90 -20.80
C GLY C 104 18.51 0.80 -21.66
N THR C 105 18.35 0.25 -22.85
CA THR C 105 19.41 0.15 -23.84
C THR C 105 19.28 1.31 -24.79
N ALA C 106 20.37 1.63 -25.49
CA ALA C 106 20.34 2.69 -26.47
C ALA C 106 19.31 2.36 -27.58
N ASN C 107 19.28 1.10 -27.99
CA ASN C 107 18.31 0.69 -29.00
C ASN C 107 16.87 0.93 -28.56
N SER C 108 16.53 0.70 -27.29
CA SER C 108 15.17 1.03 -26.80
C SER C 108 14.82 2.53 -26.81
N ALA C 109 15.82 3.41 -26.80
CA ALA C 109 15.58 4.81 -26.53
C ALA C 109 15.61 5.68 -27.76
N ASN C 110 16.53 5.40 -28.68
CA ASN C 110 16.89 6.39 -29.68
C ASN C 110 15.73 6.75 -30.63
N TYR C 111 14.94 5.74 -31.00
CA TYR C 111 13.85 5.97 -31.95
C TYR C 111 12.68 6.78 -31.33
N LEU C 112 12.65 6.92 -30.01
CA LEU C 112 11.65 7.76 -29.36
C LEU C 112 11.86 9.25 -29.61
N VAL C 113 13.02 9.62 -30.17
CA VAL C 113 13.40 11.02 -30.29
C VAL C 113 12.49 11.76 -31.28
N SER C 114 12.27 13.03 -31.00
CA SER C 114 11.54 13.93 -31.91
C SER C 114 12.11 15.34 -31.79
N ASP C 115 11.75 16.22 -32.72
CA ASP C 115 12.44 17.51 -32.84
C ASP C 115 12.40 18.33 -31.54
N GLY C 116 13.57 18.73 -31.06
CA GLY C 116 13.71 19.47 -29.82
C GLY C 116 14.21 18.61 -28.67
N ILE C 117 14.06 17.29 -28.79
CA ILE C 117 14.39 16.34 -27.71
C ILE C 117 15.79 15.74 -27.89
N LYS C 118 16.49 15.53 -26.79
CA LYS C 118 17.71 14.70 -26.77
C LYS C 118 17.45 13.57 -25.79
N MSE C 119 17.73 12.34 -26.17
CA MSE C 119 17.63 11.22 -25.25
C MSE C 119 18.96 11.16 -24.57
O MSE C 119 19.96 11.42 -25.21
CB MSE C 119 17.38 9.91 -25.99
CG MSE C 119 16.22 9.93 -26.97
SE MSE C 119 14.54 10.43 -26.10
CE MSE C 119 14.30 8.86 -24.93
N LEU C 120 18.99 10.72 -23.30
CA LEU C 120 20.24 10.50 -22.60
C LEU C 120 20.07 9.44 -21.52
N PRO C 121 21.02 8.50 -21.41
CA PRO C 121 20.80 7.58 -20.31
C PRO C 121 21.08 8.26 -18.99
N VAL C 122 20.50 7.70 -17.93
CA VAL C 122 20.60 8.29 -16.60
C VAL C 122 22.04 8.43 -16.15
N SER C 123 22.84 7.40 -16.45
CA SER C 123 24.28 7.41 -16.22
C SER C 123 24.99 8.70 -16.69
N ALA C 124 24.42 9.39 -17.68
CA ALA C 124 25.03 10.60 -18.24
C ALA C 124 24.56 11.90 -17.58
N ILE C 125 23.67 11.81 -16.59
CA ILE C 125 23.17 13.01 -15.92
C ILE C 125 24.13 13.46 -14.87
N ASP C 126 24.32 14.77 -14.79
CA ASP C 126 25.12 15.38 -13.74
C ASP C 126 24.56 16.78 -13.37
N ASP C 127 25.24 17.42 -12.41
CA ASP C 127 24.85 18.74 -11.92
C ASP C 127 24.70 19.75 -13.04
N SER C 128 25.55 19.61 -14.04
CA SER C 128 25.63 20.55 -15.14
C SER C 128 24.44 20.46 -16.07
N ASN C 129 23.89 19.25 -16.24
CA ASN C 129 22.81 19.08 -17.20
C ASN C 129 21.47 18.63 -16.61
N ILE C 130 21.44 18.35 -15.30
CA ILE C 130 20.20 17.87 -14.66
C ILE C 130 19.11 18.90 -14.93
N GLY C 131 19.53 20.16 -14.99
CA GLY C 131 18.61 21.23 -15.29
C GLY C 131 17.89 21.13 -16.65
N GLU C 132 18.51 20.45 -17.60
CA GLU C 132 17.91 20.27 -18.91
C GLU C 132 17.03 19.02 -19.00
N VAL C 133 17.14 18.11 -18.03
CA VAL C 133 16.41 16.84 -18.09
C VAL C 133 14.96 17.11 -17.82
N ASN C 134 14.12 16.85 -18.81
CA ASN C 134 12.73 17.23 -18.71
C ASN C 134 11.76 16.07 -18.57
N ALA C 135 12.28 14.85 -18.62
CA ALA C 135 11.47 13.67 -18.37
C ALA C 135 12.38 12.50 -18.10
N LEU C 136 11.81 11.46 -17.48
CA LEU C 136 12.50 10.19 -17.31
C LEU C 136 11.60 9.13 -17.90
N VAL C 137 12.15 8.26 -18.71
CA VAL C 137 11.40 7.08 -19.15
CA VAL C 137 11.40 7.08 -19.17
C VAL C 137 12.19 5.82 -18.83
N LEU C 138 11.48 4.82 -18.27
CA LEU C 138 11.98 3.48 -17.99
C LEU C 138 11.55 2.58 -19.15
N LEU C 139 12.53 2.00 -19.85
CA LEU C 139 12.29 1.27 -21.11
C LEU C 139 12.60 -0.23 -21.07
N ASP C 140 13.66 -0.61 -20.36
CA ASP C 140 14.12 -1.99 -20.42
C ASP C 140 14.88 -2.28 -19.16
N ASP C 141 14.72 -3.47 -18.57
CA ASP C 141 15.45 -3.80 -17.33
C ASP C 141 16.96 -3.99 -17.54
N GLU C 142 17.34 -4.24 -18.79
CA GLU C 142 18.75 -4.37 -19.18
C GLU C 142 19.31 -3.07 -19.74
N GLY C 143 20.63 -2.95 -19.72
CA GLY C 143 21.31 -1.82 -20.35
C GLY C 143 21.92 -0.79 -19.41
N PHE C 144 21.76 -1.00 -18.10
CA PHE C 144 22.33 -0.10 -17.13
C PHE C 144 22.77 -0.83 -15.89
N ASN C 145 23.60 -0.15 -15.09
CA ASN C 145 24.10 -0.65 -13.83
C ASN C 145 23.04 -0.29 -12.76
N TRP C 146 22.45 -1.30 -12.11
CA TRP C 146 21.35 -1.12 -11.17
C TRP C 146 21.76 -0.35 -9.95
N PHE C 147 22.88 -0.74 -9.37
CA PHE C 147 23.38 -0.11 -8.16
C PHE C 147 23.55 1.40 -8.37
N HIS C 148 24.27 1.74 -9.43
CA HIS C 148 24.60 3.12 -9.69
C HIS C 148 23.39 3.87 -10.18
N ASP C 149 22.65 3.27 -11.10
CA ASP C 149 21.64 4.10 -11.83
C ASP C 149 20.26 4.09 -11.19
N LEU C 150 19.96 3.10 -10.34
CA LEU C 150 18.73 3.17 -9.50
C LEU C 150 18.90 4.19 -8.40
N ASN C 151 20.10 4.24 -7.82
CA ASN C 151 20.46 5.31 -6.89
C ASN C 151 20.39 6.69 -7.54
N LYS C 152 21.01 6.81 -8.71
CA LYS C 152 21.01 8.08 -9.49
C LYS C 152 19.58 8.45 -9.90
N THR C 153 18.73 7.44 -10.17
CA THR C 153 17.34 7.73 -10.59
C THR C 153 16.55 8.32 -9.44
N VAL C 154 16.68 7.70 -8.27
CA VAL C 154 16.08 8.16 -7.02
C VAL C 154 16.47 9.59 -6.73
N ASN C 155 17.76 9.91 -6.85
CA ASN C 155 18.20 11.30 -6.66
C ASN C 155 17.67 12.27 -7.74
N LEU C 156 17.68 11.83 -8.99
CA LEU C 156 17.21 12.64 -10.10
C LEU C 156 15.76 13.09 -9.83
N LEU C 157 14.91 12.15 -9.42
CA LEU C 157 13.50 12.41 -9.20
C LEU C 157 13.24 13.17 -7.91
N ARG C 158 14.14 13.06 -6.94
CA ARG C 158 14.09 13.91 -5.75
C ARG C 158 14.46 15.36 -6.09
N LYS C 159 15.31 15.58 -7.08
CA LYS C 159 15.83 16.91 -7.35
C LYS C 159 15.08 17.65 -8.45
N ARG C 160 14.45 16.95 -9.36
CA ARG C 160 13.91 17.57 -10.56
C ARG C 160 12.41 17.33 -10.64
N THR C 161 11.65 18.39 -10.90
CA THR C 161 10.21 18.28 -11.17
C THR C 161 10.01 17.86 -12.62
N ILE C 162 9.97 16.53 -12.85
CA ILE C 162 9.78 15.95 -14.16
C ILE C 162 8.83 14.77 -14.13
N PRO C 163 8.13 14.52 -15.25
CA PRO C 163 7.40 13.26 -15.35
C PRO C 163 8.33 12.06 -15.39
N ALA C 164 7.93 10.99 -14.71
CA ALA C 164 8.60 9.70 -14.75
C ALA C 164 7.63 8.73 -15.40
N ILE C 165 8.04 8.08 -16.48
CA ILE C 165 7.13 7.35 -17.33
C ILE C 165 7.59 5.87 -17.48
N VAL C 166 6.63 4.94 -17.49
CA VAL C 166 6.93 3.51 -17.74
C VAL C 166 5.73 2.79 -18.39
N ALA C 167 6.00 1.79 -19.23
CA ALA C 167 4.99 0.86 -19.73
C ALA C 167 4.47 0.05 -18.55
N ASN C 168 3.14 -0.16 -18.52
CA ASN C 168 2.50 -0.86 -17.43
C ASN C 168 2.65 -2.38 -17.58
N THR C 169 3.90 -2.85 -17.59
CA THR C 169 4.20 -4.27 -17.67
C THR C 169 3.89 -4.96 -16.32
N ASP C 170 3.83 -6.27 -16.28
CA ASP C 170 3.82 -6.97 -15.01
C ASP C 170 5.17 -6.75 -14.32
N ASN C 171 5.22 -6.95 -13.01
CA ASN C 171 6.45 -6.69 -12.28
C ASN C 171 7.52 -7.65 -12.61
N THR C 172 7.14 -8.88 -12.92
CA THR C 172 8.14 -9.88 -13.33
C THR C 172 7.66 -10.56 -14.61
N TYR C 173 8.57 -11.27 -15.27
CA TYR C 173 8.22 -12.14 -16.38
C TYR C 173 8.98 -13.46 -16.32
N PRO C 174 8.35 -14.56 -16.75
CA PRO C 174 9.00 -15.86 -16.75
C PRO C 174 10.20 -15.92 -17.69
N LEU C 175 11.31 -16.40 -17.16
CA LEU C 175 12.53 -16.60 -17.94
C LEU C 175 12.62 -18.07 -18.37
N THR C 176 12.28 -18.95 -17.44
CA THR C 176 12.28 -20.37 -17.65
C THR C 176 11.12 -20.95 -16.88
N LYS C 177 11.01 -22.27 -16.93
CA LYS C 177 9.97 -22.98 -16.21
C LYS C 177 9.97 -22.65 -14.71
N THR C 178 11.15 -22.43 -14.14
CA THR C 178 11.29 -22.25 -12.68
C THR C 178 11.53 -20.78 -12.24
N ASP C 179 12.17 -19.99 -13.10
CA ASP C 179 12.66 -18.64 -12.76
C ASP C 179 11.99 -17.50 -13.50
N VAL C 180 11.92 -16.37 -12.82
CA VAL C 180 11.36 -15.15 -13.32
C VAL C 180 12.48 -14.11 -13.36
N ALA C 181 12.25 -13.03 -14.07
CA ALA C 181 13.14 -11.88 -14.08
C ALA C 181 12.30 -10.65 -13.75
N ILE C 182 12.89 -9.64 -13.09
CA ILE C 182 12.20 -8.39 -12.78
C ILE C 182 12.10 -7.66 -14.11
N ALA C 183 10.89 -7.20 -14.43
CA ALA C 183 10.63 -6.47 -15.66
C ALA C 183 10.76 -4.99 -15.37
N ILE C 184 10.68 -4.20 -16.43
CA ILE C 184 10.86 -2.76 -16.32
C ILE C 184 9.75 -2.11 -15.46
N GLY C 185 8.53 -2.62 -15.55
CA GLY C 185 7.43 -2.17 -14.70
C GLY C 185 7.74 -2.45 -13.25
N GLY C 186 8.40 -3.56 -13.02
CA GLY C 186 8.87 -3.92 -11.68
C GLY C 186 9.95 -3.03 -11.15
N VAL C 187 10.84 -2.58 -12.04
CA VAL C 187 11.86 -1.60 -11.63
C VAL C 187 11.22 -0.28 -11.17
N ALA C 188 10.23 0.18 -11.93
CA ALA C 188 9.43 1.35 -11.56
C ALA C 188 8.74 1.09 -10.20
N THR C 189 8.15 -0.08 -10.03
CA THR C 189 7.51 -0.45 -8.75
C THR C 189 8.48 -0.31 -7.58
N MSE C 190 9.71 -0.79 -7.80
CA MSE C 190 10.73 -0.76 -6.77
C MSE C 190 11.11 0.65 -6.40
O MSE C 190 11.27 0.97 -5.21
CB MSE C 190 11.97 -1.51 -7.23
CG MSE C 190 11.80 -3.00 -7.28
SE MSE C 190 13.34 -4.05 -8.01
CE MSE C 190 14.28 -2.89 -9.11
N ILE C 191 11.25 1.51 -7.41
CA ILE C 191 11.54 2.92 -7.19
C ILE C 191 10.36 3.58 -6.48
N GLU C 192 9.13 3.29 -6.91
CA GLU C 192 7.97 3.83 -6.20
C GLU C 192 7.86 3.33 -4.75
N SER C 193 8.41 2.15 -4.46
CA SER C 193 8.43 1.69 -3.06
C SER C 193 9.30 2.60 -2.18
N ILE C 194 10.29 3.28 -2.75
CA ILE C 194 11.18 4.17 -1.99
C ILE C 194 10.56 5.57 -1.99
N LEU C 195 10.14 6.05 -3.15
CA LEU C 195 9.71 7.43 -3.32
C LEU C 195 8.21 7.66 -3.12
N GLY C 196 7.41 6.59 -3.08
CA GLY C 196 5.95 6.69 -3.27
C GLY C 196 5.55 6.66 -4.77
N ARG C 197 4.24 6.64 -5.05
CA ARG C 197 3.70 6.67 -6.44
C ARG C 197 4.13 7.90 -7.18
N ARG C 198 4.66 7.66 -8.37
CA ARG C 198 5.47 8.68 -9.00
C ARG C 198 5.49 8.51 -10.51
N PHE C 199 5.12 7.33 -11.01
CA PHE C 199 5.25 7.04 -12.45
C PHE C 199 3.96 7.17 -13.15
N ILE C 200 3.97 7.88 -14.27
CA ILE C 200 2.89 7.82 -15.22
C ILE C 200 3.04 6.46 -15.87
N ARG C 201 1.95 5.71 -15.93
CA ARG C 201 1.99 4.39 -16.54
C ARG C 201 1.13 4.35 -17.81
N PHE C 202 1.72 3.94 -18.93
CA PHE C 202 1.00 3.82 -20.20
C PHE C 202 0.72 2.38 -20.56
N GLY C 203 -0.41 2.17 -21.22
CA GLY C 203 -0.85 0.86 -21.67
C GLY C 203 -2.07 0.32 -20.96
N LYS C 204 -2.40 -0.93 -21.27
CA LYS C 204 -3.47 -1.69 -20.61
C LYS C 204 -3.24 -1.62 -19.12
N PRO C 205 -4.33 -1.41 -18.33
CA PRO C 205 -5.76 -1.38 -18.69
C PRO C 205 -6.33 -0.03 -19.14
N ASP C 206 -5.48 0.98 -19.38
CA ASP C 206 -5.95 2.26 -19.99
C ASP C 206 -6.57 2.01 -21.36
N SER C 207 -7.49 2.88 -21.75
CA SER C 207 -8.25 2.74 -23.00
CA SER C 207 -8.25 2.73 -23.00
C SER C 207 -7.54 3.32 -24.22
N GLN C 208 -6.45 4.07 -24.01
CA GLN C 208 -5.82 4.81 -25.11
C GLN C 208 -5.47 3.98 -26.34
N MSE C 209 -4.85 2.81 -26.16
CA MSE C 209 -4.49 1.97 -27.32
C MSE C 209 -5.70 1.37 -27.99
O MSE C 209 -5.81 1.38 -29.24
CB MSE C 209 -3.51 0.88 -26.95
CG MSE C 209 -2.17 1.41 -26.47
SE MSE C 209 -1.00 -0.10 -26.11
CE MSE C 209 -1.99 -0.87 -24.69
N PHE C 210 -6.65 0.89 -27.18
CA PHE C 210 -7.94 0.47 -27.68
C PHE C 210 -8.64 1.54 -28.54
N MSE C 211 -8.59 2.80 -28.12
CA MSE C 211 -9.22 3.89 -28.87
CA MSE C 211 -9.28 3.83 -28.90
C MSE C 211 -8.54 4.10 -30.23
O MSE C 211 -9.18 4.38 -31.26
CB MSE C 211 -9.16 5.22 -28.10
CB MSE C 211 -9.47 5.12 -28.11
CG MSE C 211 -9.98 5.24 -26.83
CG MSE C 211 -10.34 6.16 -28.80
SE MSE C 211 -9.57 6.72 -25.59
SE MSE C 211 -12.16 5.64 -29.32
CE MSE C 211 -11.10 6.53 -24.63
CE MSE C 211 -13.00 5.43 -27.63
N PHE C 212 -7.22 3.98 -30.22
CA PHE C 212 -6.45 4.16 -31.43
C PHE C 212 -6.81 3.12 -32.51
N ALA C 213 -6.78 1.86 -32.10
CA ALA C 213 -7.16 0.73 -32.96
C ALA C 213 -8.60 0.91 -33.50
N TYR C 214 -9.52 1.21 -32.58
CA TYR C 214 -10.91 1.39 -32.93
C TYR C 214 -11.08 2.56 -33.93
N ASP C 215 -10.37 3.65 -33.70
CA ASP C 215 -10.40 4.81 -34.63
C ASP C 215 -10.00 4.39 -36.03
N MSE C 216 -8.92 3.62 -36.11
CA MSE C 216 -8.40 3.19 -37.41
C MSE C 216 -9.35 2.21 -38.10
O MSE C 216 -9.61 2.36 -39.28
CB MSE C 216 -7.00 2.60 -37.25
CG MSE C 216 -6.00 3.71 -36.91
SE MSE C 216 -5.79 5.22 -38.24
CE MSE C 216 -5.56 6.84 -36.90
N LEU C 217 -9.90 1.27 -37.36
CA LEU C 217 -10.82 0.30 -37.94
C LEU C 217 -12.06 0.96 -38.51
N ARG C 218 -12.60 1.93 -37.78
CA ARG C 218 -13.84 2.57 -38.21
C ARG C 218 -13.69 3.44 -39.47
N GLN C 219 -12.45 3.84 -39.78
CA GLN C 219 -12.17 4.49 -41.07
C GLN C 219 -12.28 3.52 -42.26
N LYS C 220 -11.87 2.28 -42.04
CA LYS C 220 -11.87 1.25 -43.06
C LYS C 220 -13.17 0.43 -43.19
N MSE C 221 -14.06 0.50 -42.19
CA MSE C 221 -15.27 -0.30 -42.20
C MSE C 221 -16.33 0.16 -41.20
O MSE C 221 -16.11 1.08 -40.41
CB MSE C 221 -14.94 -1.77 -41.91
CG MSE C 221 -14.56 -2.06 -40.46
SE MSE C 221 -13.48 -3.69 -40.21
CE MSE C 221 -11.89 -3.16 -41.35
N GLU C 222 -17.49 -0.48 -41.30
CA GLU C 222 -18.53 -0.34 -40.28
C GLU C 222 -18.14 -1.35 -39.22
N ILE C 223 -17.69 -0.86 -38.06
CA ILE C 223 -17.33 -1.75 -36.94
C ILE C 223 -17.78 -1.14 -35.64
N SER C 224 -18.40 -1.94 -34.79
CA SER C 224 -18.77 -1.51 -33.45
C SER C 224 -17.91 -2.21 -32.41
N LYS C 225 -18.06 -1.81 -31.15
CA LYS C 225 -17.32 -2.42 -30.04
C LYS C 225 -17.74 -3.85 -29.82
N ARG C 226 -18.94 -4.18 -30.31
CA ARG C 226 -19.51 -5.53 -30.22
C ARG C 226 -18.86 -6.50 -31.19
N GLU C 227 -18.15 -5.97 -32.19
CA GLU C 227 -17.49 -6.78 -33.20
C GLU C 227 -15.97 -6.89 -33.04
N ILE C 228 -15.48 -6.50 -31.85
CA ILE C 228 -14.04 -6.61 -31.48
C ILE C 228 -13.90 -7.44 -30.22
N LEU C 229 -13.02 -8.46 -30.27
CA LEU C 229 -12.70 -9.30 -29.13
C LEU C 229 -11.28 -9.03 -28.64
N MSE C 230 -11.13 -8.81 -27.33
CA MSE C 230 -9.83 -8.67 -26.72
C MSE C 230 -9.44 -9.98 -26.07
O MSE C 230 -10.18 -10.50 -25.24
CB MSE C 230 -9.84 -7.55 -25.67
CG MSE C 230 -8.55 -7.44 -24.87
SE MSE C 230 -6.96 -6.90 -25.90
CE MSE C 230 -5.63 -7.68 -24.76
N VAL C 231 -8.27 -10.49 -26.45
CA VAL C 231 -7.78 -11.79 -25.98
C VAL C 231 -6.50 -11.58 -25.14
N GLY C 232 -6.51 -12.08 -23.92
CA GLY C 232 -5.38 -11.86 -23.02
C GLY C 232 -5.25 -12.96 -21.99
N ASP C 233 -4.11 -13.01 -21.29
CA ASP C 233 -3.90 -13.94 -20.22
C ASP C 233 -3.90 -13.29 -18.82
N THR C 234 -4.06 -11.97 -18.74
CA THR C 234 -3.91 -11.26 -17.46
C THR C 234 -5.13 -10.42 -17.12
N LEU C 235 -5.68 -10.70 -15.95
CA LEU C 235 -7.01 -10.17 -15.57
C LEU C 235 -6.99 -8.67 -15.45
N HIS C 236 -6.00 -8.16 -14.74
CA HIS C 236 -5.99 -6.74 -14.32
C HIS C 236 -5.38 -5.80 -15.38
N THR C 237 -4.92 -6.34 -16.49
CA THR C 237 -4.54 -5.52 -17.62
C THR C 237 -5.42 -5.79 -18.82
N ASP C 238 -5.28 -7.00 -19.39
CA ASP C 238 -5.98 -7.40 -20.60
C ASP C 238 -7.50 -7.43 -20.41
N ILE C 239 -7.97 -8.17 -19.41
CA ILE C 239 -9.39 -8.41 -19.27
C ILE C 239 -10.07 -7.18 -18.74
N LEU C 240 -9.51 -6.59 -17.68
CA LEU C 240 -10.09 -5.40 -17.07
C LEU C 240 -10.15 -4.27 -18.07
N GLY C 241 -9.07 -4.09 -18.80
CA GLY C 241 -8.99 -2.98 -19.76
C GLY C 241 -10.00 -3.14 -20.86
N GLY C 242 -10.05 -4.34 -21.44
CA GLY C 242 -11.03 -4.61 -22.46
C GLY C 242 -12.45 -4.41 -21.98
N ASN C 243 -12.75 -4.93 -20.80
CA ASN C 243 -14.10 -4.81 -20.25
C ASN C 243 -14.46 -3.34 -20.10
N LYS C 244 -13.62 -2.57 -19.42
CA LYS C 244 -13.93 -1.14 -19.20
C LYS C 244 -14.17 -0.37 -20.50
N PHE C 245 -13.53 -0.78 -21.59
CA PHE C 245 -13.66 -0.07 -22.85
C PHE C 245 -14.91 -0.54 -23.62
N GLY C 246 -15.63 -1.54 -23.10
CA GLY C 246 -16.83 -2.02 -23.78
C GLY C 246 -16.61 -3.21 -24.72
N LEU C 247 -15.44 -3.83 -24.67
CA LEU C 247 -15.19 -5.00 -25.52
C LEU C 247 -15.52 -6.30 -24.83
N ASP C 248 -15.95 -7.29 -25.63
CA ASP C 248 -15.90 -8.68 -25.23
C ASP C 248 -14.46 -9.04 -24.93
N THR C 249 -14.28 -9.82 -23.87
CA THR C 249 -12.96 -10.32 -23.52
C THR C 249 -12.90 -11.85 -23.47
N ALA C 250 -11.75 -12.36 -23.88
CA ALA C 250 -11.46 -13.78 -23.82
C ALA C 250 -10.18 -13.95 -23.03
N LEU C 251 -10.33 -14.61 -21.89
CA LEU C 251 -9.19 -15.04 -21.11
C LEU C 251 -8.71 -16.39 -21.61
N VAL C 252 -7.44 -16.46 -21.99
CA VAL C 252 -6.80 -17.74 -22.35
C VAL C 252 -5.92 -18.20 -21.20
N LEU C 253 -5.60 -19.50 -21.16
CA LEU C 253 -4.99 -20.08 -19.97
C LEU C 253 -3.56 -20.59 -20.22
N THR C 254 -2.94 -20.07 -21.27
CA THR C 254 -1.56 -20.41 -21.61
C THR C 254 -0.49 -19.53 -20.97
N GLY C 255 -0.89 -18.60 -20.10
CA GLY C 255 0.03 -17.59 -19.54
C GLY C 255 -0.15 -17.33 -18.04
N ASN C 256 -0.31 -16.07 -17.65
CA ASN C 256 -0.31 -15.73 -16.23
C ASN C 256 -1.41 -16.36 -15.42
N THR C 257 -2.55 -16.65 -16.04
CA THR C 257 -3.68 -17.26 -15.35
C THR C 257 -3.81 -18.74 -15.73
N ARG C 258 -3.46 -19.63 -14.80
CA ARG C 258 -3.48 -21.07 -15.06
C ARG C 258 -4.88 -21.62 -14.83
N ILE C 259 -5.16 -22.74 -15.44
CA ILE C 259 -6.51 -23.31 -15.34
C ILE C 259 -6.89 -23.59 -13.87
N ASP C 260 -5.92 -24.04 -13.07
CA ASP C 260 -6.22 -24.37 -11.68
C ASP C 260 -6.47 -23.14 -10.82
N ASP C 261 -6.05 -21.94 -11.27
CA ASP C 261 -6.17 -20.71 -10.47
C ASP C 261 -7.23 -19.73 -10.99
N ALA C 262 -7.76 -20.01 -12.18
CA ALA C 262 -8.59 -19.04 -12.88
C ALA C 262 -9.81 -18.65 -12.05
N GLU C 263 -10.51 -19.67 -11.53
CA GLU C 263 -11.77 -19.41 -10.83
C GLU C 263 -11.56 -18.56 -9.59
N THR C 264 -10.50 -18.85 -8.85
CA THR C 264 -10.23 -18.12 -7.62
C THR C 264 -9.76 -16.68 -7.91
N LYS C 265 -8.93 -16.51 -8.96
CA LYS C 265 -8.44 -15.18 -9.33
C LYS C 265 -9.56 -14.27 -9.84
N ILE C 266 -10.46 -14.84 -10.62
CA ILE C 266 -11.65 -14.13 -11.07
C ILE C 266 -12.50 -13.76 -9.85
N LYS C 267 -12.62 -14.67 -8.89
CA LYS C 267 -13.48 -14.40 -7.74
C LYS C 267 -12.90 -13.30 -6.85
N SER C 268 -11.59 -13.35 -6.61
CA SER C 268 -10.98 -12.41 -5.72
C SER C 268 -10.93 -11.03 -6.32
N THR C 269 -10.70 -10.92 -7.63
CA THR C 269 -10.60 -9.61 -8.28
C THR C 269 -11.95 -9.05 -8.69
N GLY C 270 -12.90 -9.94 -8.96
CA GLY C 270 -14.18 -9.57 -9.55
C GLY C 270 -14.04 -9.11 -10.98
N ILE C 271 -12.96 -9.56 -11.65
CA ILE C 271 -12.72 -9.25 -13.08
C ILE C 271 -13.15 -10.47 -13.87
N VAL C 272 -14.30 -10.35 -14.54
CA VAL C 272 -14.96 -11.49 -15.18
C VAL C 272 -14.88 -11.38 -16.68
N PRO C 273 -14.17 -12.31 -17.30
CA PRO C 273 -14.10 -12.33 -18.76
C PRO C 273 -15.39 -12.76 -19.44
N THR C 274 -15.64 -12.24 -20.64
CA THR C 274 -16.80 -12.69 -21.39
C THR C 274 -16.68 -14.18 -21.69
N HIS C 275 -15.48 -14.65 -22.01
CA HIS C 275 -15.26 -16.09 -22.30
C HIS C 275 -13.93 -16.53 -21.75
N ILE C 276 -13.83 -17.81 -21.37
CA ILE C 276 -12.57 -18.44 -20.97
C ILE C 276 -12.27 -19.59 -21.97
N CYS C 277 -11.01 -19.66 -22.42
CA CYS C 277 -10.55 -20.58 -23.47
C CYS C 277 -9.18 -21.08 -23.08
N GLU C 278 -8.85 -22.30 -23.50
CA GLU C 278 -7.58 -22.88 -23.12
C GLU C 278 -6.41 -22.14 -23.80
N SER C 279 -6.63 -21.75 -25.05
CA SER C 279 -5.59 -21.21 -25.90
C SER C 279 -6.19 -20.37 -27.03
N ALA C 280 -5.39 -19.45 -27.53
CA ALA C 280 -5.66 -18.73 -28.76
C ALA C 280 -5.19 -19.50 -30.00
N VAL C 281 -4.46 -20.59 -29.78
CA VAL C 281 -4.13 -21.48 -30.91
C VAL C 281 -5.36 -22.26 -31.30
N ILE C 282 -5.83 -22.08 -32.53
CA ILE C 282 -6.92 -22.92 -33.07
C ILE C 282 -6.34 -24.10 -33.86
N GLU C 283 -7.18 -25.13 -34.04
CA GLU C 283 -6.86 -26.31 -34.90
C GLU C 283 -7.34 -26.08 -36.33
N LEU C 284 -6.59 -26.59 -37.31
CA LEU C 284 -6.98 -26.62 -38.74
C LEU C 284 -6.78 -25.28 -39.47
N GLY D 1 1.78 23.96 17.52
CA GLY D 1 2.77 24.27 18.59
C GLY D 1 4.02 23.42 18.50
N MSE D 2 5.15 24.02 18.85
CA MSE D 2 6.43 23.29 18.85
C MSE D 2 7.47 23.96 19.78
O MSE D 2 8.09 24.96 19.40
CB MSE D 2 6.96 23.20 17.41
CG MSE D 2 7.72 21.93 17.06
SE MSE D 2 9.63 22.17 16.96
CE MSE D 2 9.73 23.71 15.72
N GLN D 3 7.63 23.39 20.99
CA GLN D 3 8.52 23.95 22.02
C GLN D 3 9.88 23.22 22.09
N ILE D 4 10.93 23.89 21.63
CA ILE D 4 12.29 23.37 21.71
CA ILE D 4 12.28 23.37 21.72
C ILE D 4 12.86 23.61 23.12
N GLU D 5 13.48 22.59 23.68
CA GLU D 5 14.09 22.65 24.99
C GLU D 5 15.59 22.34 24.93
N SER D 6 16.31 22.74 25.97
CA SER D 6 17.72 22.40 26.12
C SER D 6 17.87 20.93 26.50
N PHE D 7 18.68 20.20 25.73
CA PHE D 7 18.97 18.80 26.00
C PHE D 7 19.66 18.63 27.36
N LYS D 8 20.65 19.45 27.61
CA LYS D 8 21.40 19.34 28.86
C LYS D 8 20.49 19.51 30.08
N SER D 9 19.51 20.40 29.99
CA SER D 9 18.56 20.64 31.07
C SER D 9 17.74 19.40 31.41
N LEU D 10 17.51 18.52 30.42
CA LEU D 10 16.70 17.33 30.59
C LEU D 10 17.37 16.24 31.41
N LEU D 11 18.68 16.16 31.28
CA LEU D 11 19.45 14.95 31.62
C LEU D 11 19.49 14.53 33.09
N PRO D 12 19.39 15.48 34.04
CA PRO D 12 19.37 15.08 35.44
C PRO D 12 18.21 14.20 35.89
N LYS D 13 17.15 14.07 35.09
CA LYS D 13 16.04 13.16 35.45
C LYS D 13 16.40 11.69 35.37
N TYR D 14 17.44 11.37 34.61
CA TYR D 14 17.63 10.04 34.06
C TYR D 14 18.87 9.38 34.61
N LYS D 15 18.83 8.06 34.75
CA LYS D 15 20.01 7.27 35.17
C LYS D 15 20.78 6.73 33.96
N CYS D 16 20.06 6.54 32.83
CA CYS D 16 20.65 6.04 31.59
C CYS D 16 20.02 6.71 30.38
N ILE D 17 20.85 7.03 29.38
CA ILE D 17 20.34 7.56 28.11
C ILE D 17 20.54 6.49 27.06
N PHE D 18 19.50 6.22 26.27
CA PHE D 18 19.65 5.44 25.05
C PHE D 18 19.77 6.38 23.84
N PHE D 19 20.89 6.34 23.14
CA PHE D 19 21.05 7.14 21.91
C PHE D 19 20.91 6.27 20.66
N ASP D 20 20.09 6.73 19.72
CA ASP D 20 20.24 6.40 18.33
C ASP D 20 21.58 6.99 17.91
N ALA D 21 22.17 6.45 16.84
CA ALA D 21 23.49 6.89 16.35
C ALA D 21 23.38 7.84 15.16
N PHE D 22 22.89 7.37 14.01
CA PHE D 22 22.87 8.22 12.81
C PHE D 22 21.84 9.33 12.91
N GLY D 23 22.29 10.56 12.73
CA GLY D 23 21.43 11.74 12.86
C GLY D 23 21.45 12.31 14.25
N VAL D 24 22.15 11.63 15.16
CA VAL D 24 22.16 11.97 16.59
C VAL D 24 23.59 12.20 17.08
N LEU D 25 24.45 11.22 16.84
CA LEU D 25 25.87 11.28 17.22
C LEU D 25 26.78 11.67 16.06
N LYS D 26 26.26 11.51 14.86
CA LYS D 26 27.04 11.61 13.65
C LYS D 26 26.12 11.71 12.46
N THR D 27 26.65 12.25 11.35
CA THR D 27 25.94 12.39 10.10
C THR D 27 26.85 11.89 9.00
N TYR D 28 26.46 12.14 7.75
CA TYR D 28 27.33 11.84 6.59
C TYR D 28 28.67 12.57 6.69
N ASN D 29 28.65 13.76 7.30
CA ASN D 29 29.85 14.56 7.57
C ASN D 29 30.80 14.05 8.70
N GLY D 30 30.46 12.94 9.34
CA GLY D 30 31.24 12.43 10.48
C GLY D 30 30.56 12.71 11.80
N LEU D 31 31.34 12.73 12.89
CA LEU D 31 30.79 13.00 14.22
C LEU D 31 30.22 14.40 14.28
N LEU D 32 29.13 14.57 15.00
CA LEU D 32 28.65 15.94 15.30
CA LEU D 32 28.66 15.94 15.29
C LEU D 32 29.74 16.64 16.09
N PRO D 33 30.14 17.84 15.66
CA PRO D 33 31.18 18.55 16.43
C PRO D 33 30.81 18.71 17.89
N GLY D 34 31.74 18.35 18.78
CA GLY D 34 31.49 18.51 20.23
C GLY D 34 30.76 17.39 20.92
N ILE D 35 30.32 16.39 20.17
CA ILE D 35 29.56 15.27 20.76
C ILE D 35 30.30 14.57 21.90
N GLU D 36 31.63 14.57 21.87
CA GLU D 36 32.41 14.06 23.00
C GLU D 36 32.02 14.71 24.33
N ASN D 37 31.64 15.99 24.33
CA ASN D 37 31.23 16.69 25.56
C ASN D 37 30.13 15.90 26.25
N THR D 38 29.18 15.43 25.44
CA THR D 38 28.01 14.76 25.98
C THR D 38 28.40 13.52 26.80
N PHE D 39 29.27 12.69 26.23
CA PHE D 39 29.70 11.47 26.95
C PHE D 39 30.60 11.74 28.16
N ASP D 40 31.48 12.73 28.01
CA ASP D 40 32.26 13.21 29.13
C ASP D 40 31.36 13.62 30.27
N TYR D 41 30.36 14.45 29.97
CA TYR D 41 29.42 14.88 31.01
C TYR D 41 28.68 13.70 31.68
N LEU D 42 28.17 12.75 30.90
CA LEU D 42 27.37 11.69 31.50
C LEU D 42 28.26 10.86 32.45
N LYS D 43 29.48 10.57 31.99
CA LYS D 43 30.44 9.87 32.83
C LYS D 43 30.72 10.65 34.11
N ALA D 44 30.97 11.95 33.99
CA ALA D 44 31.20 12.80 35.15
C ALA D 44 30.03 12.72 36.12
N GLN D 45 28.79 12.69 35.61
CA GLN D 45 27.60 12.69 36.44
C GLN D 45 27.22 11.31 36.96
N GLY D 46 27.95 10.27 36.58
CA GLY D 46 27.61 8.93 36.96
C GLY D 46 26.39 8.41 36.22
N GLN D 47 26.15 8.89 35.01
CA GLN D 47 25.04 8.43 34.21
C GLN D 47 25.50 7.45 33.14
N ASP D 48 24.68 6.44 32.88
CA ASP D 48 24.95 5.43 31.84
C ASP D 48 24.43 5.83 30.44
N TYR D 49 24.90 5.12 29.44
CA TYR D 49 24.42 5.29 28.08
C TYR D 49 24.49 3.94 27.40
N TYR D 50 23.66 3.78 26.39
CA TYR D 50 23.80 2.73 25.39
C TYR D 50 23.51 3.35 24.04
N ILE D 51 24.11 2.79 22.99
CA ILE D 51 23.71 3.08 21.63
C ILE D 51 22.72 1.99 21.26
N VAL D 52 21.60 2.43 20.69
CA VAL D 52 20.55 1.53 20.23
C VAL D 52 20.39 1.82 18.76
N THR D 53 20.84 0.90 17.92
CA THR D 53 20.99 1.17 16.50
C THR D 53 20.50 0.01 15.62
N ASN D 54 19.83 0.35 14.53
CA ASN D 54 19.39 -0.63 13.56
C ASN D 54 20.49 -0.85 12.50
N ASP D 55 21.70 -0.39 12.78
CA ASP D 55 22.83 -0.71 11.92
C ASP D 55 23.34 -2.08 12.33
N ALA D 56 23.10 -3.07 11.48
CA ALA D 56 23.63 -4.39 11.67
C ALA D 56 24.54 -4.78 10.51
N SER D 57 25.24 -3.81 9.91
CA SER D 57 26.16 -4.08 8.79
C SER D 57 27.53 -4.59 9.27
N ARG D 58 27.79 -4.45 10.56
CA ARG D 58 29.07 -4.79 11.19
CA ARG D 58 29.07 -4.80 11.18
C ARG D 58 28.77 -5.29 12.58
N SER D 59 29.76 -5.91 13.21
CA SER D 59 29.64 -6.29 14.60
C SER D 59 29.76 -5.06 15.53
N PRO D 60 29.28 -5.20 16.78
CA PRO D 60 29.44 -4.16 17.81
C PRO D 60 30.89 -3.69 18.00
N GLU D 61 31.81 -4.63 17.97
CA GLU D 61 33.24 -4.33 18.03
C GLU D 61 33.73 -3.46 16.85
N GLN D 62 33.32 -3.77 15.63
CA GLN D 62 33.66 -2.94 14.47
C GLN D 62 32.93 -1.60 14.51
N LEU D 63 31.70 -1.59 15.02
CA LEU D 63 30.98 -0.33 15.12
C LEU D 63 31.66 0.61 16.12
N ALA D 64 32.15 0.05 17.23
CA ALA D 64 32.86 0.83 18.24
C ALA D 64 34.19 1.29 17.67
N ASP D 65 34.89 0.41 16.98
CA ASP D 65 36.16 0.76 16.38
C ASP D 65 36.04 1.95 15.44
N SER D 66 34.90 2.06 14.75
CA SER D 66 34.66 3.18 13.85
CA SER D 66 34.69 3.17 13.85
C SER D 66 34.57 4.49 14.59
N TYR D 67 34.03 4.47 15.80
CA TYR D 67 34.04 5.70 16.62
C TYR D 67 35.48 6.05 17.04
N HIS D 68 36.21 5.04 17.47
CA HIS D 68 37.59 5.22 17.94
C HIS D 68 38.44 5.80 16.86
N LYS D 69 38.31 5.28 15.64
CA LYS D 69 39.02 5.88 14.49
C LYS D 69 38.68 7.34 14.29
N LEU D 70 37.46 7.76 14.62
CA LEU D 70 37.07 9.19 14.50
C LEU D 70 37.41 10.02 15.74
N GLY D 71 37.99 9.38 16.76
CA GLY D 71 38.51 10.09 17.92
C GLY D 71 37.54 10.14 19.09
N LEU D 72 36.48 9.34 19.01
CA LEU D 72 35.49 9.21 20.08
C LEU D 72 35.68 7.87 20.78
N PHE D 73 36.44 7.91 21.86
CA PHE D 73 36.85 6.72 22.56
C PHE D 73 35.86 6.34 23.64
N SER D 74 34.90 7.21 23.91
CA SER D 74 34.00 6.94 25.01
C SER D 74 32.96 5.89 24.65
N ILE D 75 32.79 5.58 23.36
CA ILE D 75 31.86 4.51 22.95
C ILE D 75 32.63 3.23 22.88
N THR D 76 32.19 2.22 23.63
CA THR D 76 32.82 0.89 23.57
C THR D 76 31.80 -0.16 23.18
N ALA D 77 32.29 -1.30 22.68
CA ALA D 77 31.48 -2.35 22.06
C ALA D 77 30.37 -2.84 22.93
N ASP D 78 30.65 -2.96 24.22
CA ASP D 78 29.67 -3.43 25.20
C ASP D 78 28.49 -2.47 25.43
N LYS D 79 28.64 -1.21 25.05
CA LYS D 79 27.51 -0.30 25.11
C LYS D 79 26.72 -0.17 23.79
N ILE D 80 27.09 -0.91 22.74
CA ILE D 80 26.37 -0.84 21.47
C ILE D 80 25.35 -1.98 21.36
N ILE D 81 24.07 -1.60 21.32
CA ILE D 81 22.99 -2.56 21.12
C ILE D 81 22.50 -2.40 19.69
N SER D 82 22.82 -3.41 18.88
CA SER D 82 22.58 -3.40 17.44
C SER D 82 21.53 -4.44 17.11
N SER D 83 20.67 -4.16 16.13
CA SER D 83 19.66 -5.13 15.72
C SER D 83 20.36 -6.38 15.12
N GLY D 84 21.62 -6.27 14.72
CA GLY D 84 22.39 -7.45 14.29
C GLY D 84 22.48 -8.56 15.32
N MSE D 85 22.42 -8.15 16.58
CA MSE D 85 22.51 -9.10 17.65
CA MSE D 85 22.41 -9.04 17.76
C MSE D 85 21.21 -9.94 17.73
O MSE D 85 21.26 -11.10 18.05
CB MSE D 85 22.88 -8.37 18.95
CB MSE D 85 22.33 -8.19 19.06
CG MSE D 85 24.29 -7.69 18.89
CG MSE D 85 22.00 -8.95 20.41
SE MSE D 85 24.57 -6.19 20.15
SE MSE D 85 21.61 -7.78 21.99
CE MSE D 85 23.57 -6.94 21.72
CE MSE D 85 19.68 -8.13 22.24
N ILE D 86 20.07 -9.36 17.39
CA ILE D 86 18.83 -10.13 17.32
C ILE D 86 18.82 -11.08 16.15
N THR D 87 19.34 -10.64 15.02
CA THR D 87 19.50 -11.50 13.85
C THR D 87 20.34 -12.74 14.19
N LYS D 88 21.49 -12.51 14.81
CA LYS D 88 22.42 -13.57 15.25
C LYS D 88 21.71 -14.57 16.15
N GLU D 89 21.02 -14.06 17.16
CA GLU D 89 20.25 -14.90 18.05
C GLU D 89 19.17 -15.69 17.30
N TYR D 90 18.48 -15.04 16.37
CA TYR D 90 17.43 -15.72 15.59
C TYR D 90 18.00 -16.86 14.77
N ILE D 91 19.12 -16.62 14.09
CA ILE D 91 19.77 -17.64 13.32
C ILE D 91 20.16 -18.82 14.21
N ASP D 92 20.78 -18.53 15.35
CA ASP D 92 21.20 -19.56 16.31
CA ASP D 92 21.22 -19.57 16.27
C ASP D 92 20.05 -20.42 16.78
N LEU D 93 18.99 -19.77 17.25
CA LEU D 93 17.85 -20.44 17.88
C LEU D 93 16.81 -21.00 16.90
N LYS D 94 16.66 -20.39 15.72
CA LYS D 94 15.55 -20.74 14.80
C LYS D 94 15.93 -21.36 13.48
N VAL D 95 17.21 -21.35 13.11
CA VAL D 95 17.63 -21.88 11.83
C VAL D 95 18.45 -23.15 12.03
N ASP D 96 17.96 -24.27 11.50
CA ASP D 96 18.56 -25.58 11.83
C ASP D 96 19.63 -25.99 10.82
N GLY D 97 20.87 -25.62 11.11
CA GLY D 97 21.97 -26.01 10.25
C GLY D 97 21.86 -25.43 8.84
N GLY D 98 22.66 -25.99 7.94
CA GLY D 98 22.61 -25.65 6.50
C GLY D 98 23.30 -24.35 6.11
N ILE D 99 22.78 -23.68 5.08
CA ILE D 99 23.37 -22.42 4.61
C ILE D 99 22.48 -21.25 4.91
N VAL D 100 23.09 -20.12 5.32
CA VAL D 100 22.42 -18.83 5.38
C VAL D 100 22.96 -18.01 4.21
N ALA D 101 22.10 -17.63 3.29
CA ALA D 101 22.52 -16.78 2.19
C ALA D 101 22.48 -15.32 2.62
N TYR D 102 23.33 -14.50 2.03
CA TYR D 102 23.36 -13.07 2.37
C TYR D 102 23.57 -12.14 1.21
N LEU D 103 23.00 -10.95 1.39
CA LEU D 103 23.30 -9.82 0.51
C LEU D 103 24.08 -8.82 1.31
N GLY D 104 25.32 -8.59 0.92
CA GLY D 104 26.21 -7.68 1.63
C GLY D 104 27.67 -7.97 1.30
N THR D 105 28.57 -7.54 2.19
CA THR D 105 29.98 -7.82 2.06
C THR D 105 30.33 -9.03 2.95
N ALA D 106 31.47 -9.68 2.68
CA ALA D 106 31.95 -10.81 3.49
C ALA D 106 32.10 -10.40 4.97
N ASN D 107 32.62 -9.20 5.18
CA ASN D 107 32.80 -8.73 6.52
C ASN D 107 31.48 -8.61 7.30
N SER D 108 30.43 -8.16 6.64
CA SER D 108 29.14 -8.02 7.29
C SER D 108 28.56 -9.36 7.70
N ALA D 109 28.89 -10.40 6.92
CA ALA D 109 28.44 -11.79 7.21
C ALA D 109 29.24 -12.42 8.32
N ASN D 110 30.47 -11.95 8.47
CA ASN D 110 31.42 -12.53 9.43
C ASN D 110 30.90 -12.72 10.91
N TYR D 111 30.29 -11.69 11.51
CA TYR D 111 29.82 -11.82 12.89
C TYR D 111 28.72 -12.87 13.01
N LEU D 112 28.04 -13.16 11.90
CA LEU D 112 26.95 -14.16 11.93
C LEU D 112 27.46 -15.59 11.84
N VAL D 113 28.72 -15.73 11.44
CA VAL D 113 29.35 -17.05 11.33
C VAL D 113 29.11 -17.84 12.63
N SER D 114 28.71 -19.10 12.49
CA SER D 114 28.55 -19.94 13.66
C SER D 114 28.82 -21.41 13.32
N ASP D 115 29.06 -22.18 14.39
CA ASP D 115 29.31 -23.61 14.27
C ASP D 115 28.00 -24.25 13.83
N GLY D 116 28.02 -24.83 12.63
CA GLY D 116 26.82 -25.44 12.06
C GLY D 116 26.29 -24.77 10.79
N ILE D 117 26.40 -23.43 10.70
CA ILE D 117 25.95 -22.72 9.51
C ILE D 117 27.12 -22.16 8.67
N LYS D 118 27.05 -22.37 7.36
CA LYS D 118 27.96 -21.72 6.43
C LYS D 118 27.29 -20.44 5.92
N MSE D 119 28.02 -19.32 5.89
CA MSE D 119 27.56 -18.09 5.23
C MSE D 119 28.02 -18.14 3.76
O MSE D 119 29.20 -18.41 3.48
CB MSE D 119 28.19 -16.84 5.82
CG MSE D 119 27.96 -16.63 7.32
SE MSE D 119 26.13 -16.51 7.86
CE MSE D 119 25.51 -14.91 6.94
N LEU D 120 27.09 -17.86 2.84
CA LEU D 120 27.44 -17.66 1.45
C LEU D 120 26.65 -16.54 0.85
N PRO D 121 27.29 -15.76 -0.02
CA PRO D 121 26.55 -14.72 -0.68
C PRO D 121 25.54 -15.33 -1.65
N VAL D 122 24.48 -14.57 -1.93
CA VAL D 122 23.45 -15.03 -2.85
C VAL D 122 24.07 -15.40 -4.18
N SER D 123 25.15 -14.70 -4.56
CA SER D 123 25.80 -14.94 -5.85
C SER D 123 26.33 -16.34 -5.94
N ALA D 124 26.58 -17.00 -4.81
CA ALA D 124 27.15 -18.34 -4.74
C ALA D 124 26.11 -19.43 -4.73
N ILE D 125 24.82 -19.07 -4.75
CA ILE D 125 23.74 -20.07 -4.67
C ILE D 125 23.31 -20.44 -6.07
N ASP D 126 23.16 -21.75 -6.29
CA ASP D 126 22.73 -22.31 -7.55
C ASP D 126 22.03 -23.65 -7.23
N ASP D 127 21.84 -24.50 -8.24
CA ASP D 127 21.01 -25.69 -8.05
C ASP D 127 21.70 -26.72 -7.20
N SER D 128 23.01 -26.61 -7.11
CA SER D 128 23.81 -27.57 -6.36
C SER D 128 23.71 -27.35 -4.87
N ASN D 129 23.48 -26.11 -4.41
CA ASN D 129 23.39 -25.82 -2.96
C ASN D 129 22.07 -25.21 -2.43
N ILE D 130 21.13 -24.92 -3.33
CA ILE D 130 19.88 -24.26 -2.91
C ILE D 130 19.01 -24.98 -1.82
N GLY D 131 18.86 -26.30 -1.88
CA GLY D 131 18.07 -27.08 -0.86
C GLY D 131 18.62 -27.00 0.58
N GLU D 132 19.88 -26.57 0.68
CA GLU D 132 20.55 -26.36 1.96
C GLU D 132 20.45 -24.91 2.49
N VAL D 133 19.91 -23.99 1.67
CA VAL D 133 19.78 -22.59 2.12
C VAL D 133 18.57 -22.50 3.04
N ASN D 134 18.78 -22.21 4.33
CA ASN D 134 17.69 -22.20 5.34
C ASN D 134 17.32 -20.82 5.87
N ALA D 135 17.98 -19.78 5.34
CA ALA D 135 17.59 -18.40 5.62
C ALA D 135 18.27 -17.50 4.63
N LEU D 136 17.72 -16.29 4.49
CA LEU D 136 18.38 -15.19 3.80
C LEU D 136 18.47 -14.01 4.74
N VAL D 137 19.64 -13.37 4.76
CA VAL D 137 19.81 -12.12 5.49
C VAL D 137 20.28 -11.03 4.57
N LEU D 138 19.64 -9.86 4.67
CA LEU D 138 20.13 -8.64 4.02
C LEU D 138 20.94 -7.82 5.02
N LEU D 139 22.23 -7.60 4.72
CA LEU D 139 23.17 -6.98 5.66
C LEU D 139 23.71 -5.63 5.29
N ASP D 140 23.98 -5.42 3.99
CA ASP D 140 24.66 -4.20 3.54
C ASP D 140 24.28 -3.98 2.07
N ASP D 141 24.03 -2.74 1.70
CA ASP D 141 23.70 -2.42 0.29
C ASP D 141 24.90 -2.55 -0.69
N GLU D 142 26.12 -2.62 -0.15
CA GLU D 142 27.33 -2.90 -0.94
C GLU D 142 27.74 -4.34 -0.84
N GLY D 143 28.50 -4.81 -1.83
CA GLY D 143 29.17 -6.11 -1.81
C GLY D 143 28.66 -7.13 -2.82
N PHE D 144 27.66 -6.73 -3.61
CA PHE D 144 27.04 -7.62 -4.55
C PHE D 144 26.66 -6.90 -5.82
N ASN D 145 26.36 -7.69 -6.84
CA ASN D 145 25.86 -7.20 -8.11
C ASN D 145 24.32 -7.16 -8.07
N TRP D 146 23.75 -5.97 -8.18
CA TRP D 146 22.32 -5.77 -7.94
C TRP D 146 21.46 -6.44 -9.00
N PHE D 147 21.89 -6.31 -10.25
CA PHE D 147 21.16 -6.92 -11.35
C PHE D 147 21.06 -8.42 -11.19
N HIS D 148 22.22 -9.06 -10.98
CA HIS D 148 22.24 -10.51 -10.91
C HIS D 148 21.69 -11.00 -9.60
N ASP D 149 22.03 -10.35 -8.50
CA ASP D 149 21.72 -10.94 -7.18
C ASP D 149 20.33 -10.55 -6.64
N LEU D 150 19.76 -9.43 -7.08
CA LEU D 150 18.34 -9.12 -6.71
C LEU D 150 17.37 -10.03 -7.45
N ASN D 151 17.69 -10.29 -8.72
CA ASN D 151 16.97 -11.27 -9.51
C ASN D 151 17.04 -12.67 -8.89
N LYS D 152 18.26 -13.08 -8.53
CA LYS D 152 18.53 -14.37 -7.87
C LYS D 152 17.81 -14.41 -6.51
N THR D 153 17.79 -13.28 -5.80
CA THR D 153 17.14 -13.25 -4.49
C THR D 153 15.63 -13.46 -4.61
N VAL D 154 15.02 -12.80 -5.59
CA VAL D 154 13.60 -12.99 -5.88
C VAL D 154 13.31 -14.45 -6.21
N ASN D 155 14.15 -15.09 -7.01
CA ASN D 155 13.94 -16.50 -7.32
C ASN D 155 14.19 -17.41 -6.11
N LEU D 156 15.22 -17.10 -5.32
CA LEU D 156 15.52 -17.87 -4.10
C LEU D 156 14.31 -17.93 -3.17
N LEU D 157 13.70 -16.77 -2.97
CA LEU D 157 12.54 -16.66 -2.06
C LEU D 157 11.28 -17.21 -2.64
N ARG D 158 11.14 -17.21 -3.96
CA ARG D 158 10.02 -17.92 -4.63
C ARG D 158 10.11 -19.43 -4.49
N LYS D 159 11.33 -19.95 -4.45
CA LYS D 159 11.59 -21.39 -4.48
C LYS D 159 11.77 -22.05 -3.09
N ARG D 160 12.28 -21.31 -2.12
CA ARG D 160 12.56 -21.90 -0.79
C ARG D 160 11.67 -21.24 0.26
N THR D 161 11.05 -22.06 1.11
CA THR D 161 10.27 -21.58 2.24
C THR D 161 11.23 -21.32 3.39
N ILE D 162 11.78 -20.12 3.39
CA ILE D 162 12.75 -19.73 4.37
C ILE D 162 12.51 -18.31 4.88
N PRO D 163 12.96 -18.03 6.09
CA PRO D 163 12.85 -16.66 6.58
C PRO D 163 13.82 -15.75 5.81
N ALA D 164 13.36 -14.53 5.54
CA ALA D 164 14.13 -13.49 4.92
C ALA D 164 14.21 -12.43 5.98
N ILE D 165 15.43 -12.05 6.34
CA ILE D 165 15.66 -11.19 7.53
C ILE D 165 16.40 -9.90 7.17
N VAL D 166 15.96 -8.77 7.74
CA VAL D 166 16.65 -7.47 7.53
C VAL D 166 16.54 -6.56 8.77
N ALA D 167 17.58 -5.78 9.05
CA ALA D 167 17.49 -4.67 9.99
C ALA D 167 16.47 -3.66 9.45
N ASN D 168 15.70 -3.04 10.33
CA ASN D 168 14.70 -2.08 9.96
C ASN D 168 15.29 -0.69 9.78
N THR D 169 16.23 -0.54 8.84
CA THR D 169 16.86 0.74 8.54
C THR D 169 15.83 1.62 7.85
N ASP D 170 16.10 2.92 7.72
CA ASP D 170 15.33 3.74 6.80
C ASP D 170 15.60 3.25 5.38
N ASN D 171 14.75 3.61 4.42
CA ASN D 171 14.93 3.10 3.06
C ASN D 171 16.10 3.74 2.36
N THR D 172 16.46 4.94 2.76
CA THR D 172 17.64 5.61 2.23
C THR D 172 18.45 6.20 3.35
N TYR D 173 19.69 6.59 3.03
CA TYR D 173 20.47 7.40 3.93
C TYR D 173 21.24 8.43 3.15
N PRO D 174 21.53 9.58 3.81
CA PRO D 174 22.27 10.66 3.16
C PRO D 174 23.72 10.30 2.92
N LEU D 175 24.21 10.56 1.72
CA LEU D 175 25.64 10.46 1.38
C LEU D 175 26.33 11.81 1.51
N THR D 176 25.67 12.82 0.98
CA THR D 176 26.18 14.17 0.96
C THR D 176 25.05 15.10 1.31
N LYS D 177 25.34 16.38 1.22
CA LYS D 177 24.30 17.38 1.44
C LYS D 177 23.15 17.24 0.42
N THR D 178 23.46 16.81 -0.81
CA THR D 178 22.42 16.75 -1.85
C THR D 178 21.85 15.35 -2.14
N ASP D 179 22.67 14.32 -1.97
CA ASP D 179 22.31 12.98 -2.43
C ASP D 179 22.09 11.99 -1.29
N VAL D 180 21.24 11.00 -1.60
CA VAL D 180 21.00 9.85 -0.73
C VAL D 180 21.46 8.59 -1.45
N ALA D 181 21.55 7.50 -0.70
CA ALA D 181 21.82 6.18 -1.22
C ALA D 181 20.72 5.28 -0.68
N ILE D 182 20.40 4.23 -1.44
CA ILE D 182 19.42 3.24 -1.01
C ILE D 182 20.10 2.35 0.04
N ALA D 183 19.47 2.22 1.20
CA ALA D 183 20.01 1.45 2.34
C ALA D 183 19.55 0.03 2.25
N ILE D 184 20.12 -0.83 3.09
CA ILE D 184 19.78 -2.25 3.02
C ILE D 184 18.27 -2.49 3.30
N GLY D 185 17.69 -1.69 4.19
CA GLY D 185 16.27 -1.77 4.46
C GLY D 185 15.46 -1.42 3.23
N GLY D 186 15.97 -0.47 2.44
CA GLY D 186 15.32 -0.10 1.19
C GLY D 186 15.40 -1.18 0.14
N VAL D 187 16.53 -1.90 0.09
CA VAL D 187 16.65 -3.05 -0.82
C VAL D 187 15.58 -4.12 -0.48
N ALA D 188 15.42 -4.43 0.81
CA ALA D 188 14.33 -5.32 1.27
C ALA D 188 12.95 -4.77 0.85
N THR D 189 12.75 -3.46 1.04
CA THR D 189 11.53 -2.79 0.57
C THR D 189 11.25 -3.02 -0.92
N MSE D 190 12.28 -2.87 -1.74
CA MSE D 190 12.18 -3.09 -3.18
C MSE D 190 11.79 -4.49 -3.52
O MSE D 190 10.88 -4.74 -4.32
CB MSE D 190 13.49 -2.73 -3.85
CG MSE D 190 13.69 -1.23 -3.81
SE MSE D 190 15.35 -0.67 -4.61
CE MSE D 190 16.39 -1.35 -3.50
N ILE D 191 12.44 -5.46 -2.87
CA ILE D 191 12.15 -6.87 -3.09
C ILE D 191 10.69 -7.14 -2.66
N GLU D 192 10.30 -6.61 -1.50
CA GLU D 192 8.92 -6.73 -1.08
C GLU D 192 7.90 -6.05 -2.02
N SER D 193 8.31 -5.02 -2.74
CA SER D 193 7.39 -4.43 -3.71
C SER D 193 7.03 -5.42 -4.81
N ILE D 194 7.96 -6.35 -5.13
CA ILE D 194 7.77 -7.34 -6.19
C ILE D 194 7.06 -8.55 -5.64
N LEU D 195 7.55 -9.06 -4.51
CA LEU D 195 7.03 -10.30 -3.95
C LEU D 195 5.85 -10.14 -2.98
N GLY D 196 5.54 -8.93 -2.53
CA GLY D 196 4.73 -8.77 -1.32
C GLY D 196 5.54 -8.79 0.00
N ARG D 197 4.92 -8.38 1.10
CA ARG D 197 5.57 -8.44 2.45
C ARG D 197 6.14 -9.81 2.72
N ARG D 198 7.38 -9.82 3.13
CA ARG D 198 8.12 -11.07 3.15
C ARG D 198 9.30 -11.07 4.11
N PHE D 199 9.71 -9.89 4.61
CA PHE D 199 10.87 -9.86 5.50
C PHE D 199 10.48 -9.78 6.92
N ILE D 200 11.15 -10.56 7.76
CA ILE D 200 11.19 -10.29 9.19
C ILE D 200 12.10 -9.09 9.38
N ARG D 201 11.64 -8.08 10.12
CA ARG D 201 12.44 -6.89 10.34
C ARG D 201 12.76 -6.73 11.81
N PHE D 202 14.03 -6.61 12.11
CA PHE D 202 14.49 -6.48 13.49
C PHE D 202 14.94 -5.07 13.78
N GLY D 203 14.71 -4.64 15.02
CA GLY D 203 15.13 -3.32 15.49
C GLY D 203 13.96 -2.40 15.78
N LYS D 204 14.29 -1.18 16.17
CA LYS D 204 13.31 -0.12 16.44
C LYS D 204 12.37 -0.06 15.24
N PRO D 205 11.06 0.19 15.46
CA PRO D 205 10.43 0.50 16.73
C PRO D 205 10.02 -0.73 17.59
N ASP D 206 10.49 -1.95 17.27
CA ASP D 206 10.30 -3.13 18.13
C ASP D 206 10.91 -2.91 19.53
N SER D 207 10.39 -3.61 20.52
CA SER D 207 10.78 -3.45 21.89
C SER D 207 11.97 -4.29 22.30
N GLN D 208 12.36 -5.27 21.48
CA GLN D 208 13.39 -6.23 21.87
C GLN D 208 14.69 -5.64 22.38
N MSE D 209 15.28 -4.68 21.66
CA MSE D 209 16.56 -4.12 22.12
C MSE D 209 16.40 -3.29 23.38
O MSE D 209 17.22 -3.40 24.31
CB MSE D 209 17.24 -3.30 21.06
CG MSE D 209 17.58 -4.10 19.82
SE MSE D 209 18.40 -2.97 18.53
CE MSE D 209 16.90 -1.80 18.28
N PHE D 210 15.33 -2.50 23.42
CA PHE D 210 14.97 -1.80 24.64
C PHE D 210 14.92 -2.74 25.84
N MSE D 211 14.31 -3.92 25.66
CA MSE D 211 14.12 -4.87 26.78
CA MSE D 211 14.15 -4.82 26.80
C MSE D 211 15.49 -5.39 27.23
O MSE D 211 15.74 -5.55 28.44
CB MSE D 211 13.17 -6.07 26.47
CB MSE D 211 13.17 -5.95 26.48
CG MSE D 211 12.09 -5.81 25.38
CG MSE D 211 12.83 -6.77 27.67
SE MSE D 211 10.61 -7.13 25.02
SE MSE D 211 12.05 -5.71 29.10
CE MSE D 211 9.39 -6.25 25.90
CE MSE D 211 10.37 -5.31 28.35
N PHE D 212 16.36 -5.66 26.26
CA PHE D 212 17.67 -6.16 26.61
C PHE D 212 18.42 -5.17 27.53
N ALA D 213 18.57 -3.95 27.02
CA ALA D 213 19.25 -2.84 27.73
C ALA D 213 18.73 -2.68 29.17
N TYR D 214 17.40 -2.68 29.27
CA TYR D 214 16.70 -2.54 30.52
C TYR D 214 16.98 -3.72 31.45
N ASP D 215 17.01 -4.92 30.89
CA ASP D 215 17.30 -6.12 31.68
C ASP D 215 18.69 -6.02 32.30
N MSE D 216 19.65 -5.61 31.48
CA MSE D 216 21.03 -5.42 31.92
C MSE D 216 21.16 -4.34 33.00
O MSE D 216 21.87 -4.54 34.00
CB MSE D 216 21.93 -5.10 30.74
CG MSE D 216 22.17 -6.32 29.82
SE MSE D 216 22.68 -8.11 30.75
CE MSE D 216 20.86 -9.13 30.79
N LEU D 217 20.48 -3.23 32.80
CA LEU D 217 20.52 -2.12 33.74
C LEU D 217 19.99 -2.52 35.11
N ARG D 218 18.85 -3.21 35.11
CA ARG D 218 18.20 -3.55 36.36
C ARG D 218 18.98 -4.56 37.20
N GLN D 219 19.87 -5.32 36.58
CA GLN D 219 20.83 -6.15 37.34
C GLN D 219 21.85 -5.30 38.15
N LYS D 220 22.35 -4.23 37.54
CA LYS D 220 23.39 -3.38 38.12
C LYS D 220 22.83 -2.28 39.07
N MSE D 221 21.54 -2.00 39.01
CA MSE D 221 20.98 -0.94 39.82
C MSE D 221 19.45 -0.97 39.94
O MSE D 221 18.75 -1.79 39.31
CB MSE D 221 21.40 0.44 39.26
CG MSE D 221 20.66 0.85 38.00
SE MSE D 221 21.63 2.12 36.85
CE MSE D 221 23.03 0.82 36.01
N GLU D 222 18.97 -0.06 40.77
CA GLU D 222 17.55 0.23 40.87
C GLU D 222 17.25 1.23 39.74
N ILE D 223 16.54 0.77 38.72
CA ILE D 223 16.21 1.64 37.60
C ILE D 223 14.83 1.34 37.07
N SER D 224 14.03 2.38 36.82
CA SER D 224 12.73 2.22 36.19
C SER D 224 12.73 2.82 34.78
N LYS D 225 11.65 2.59 34.05
CA LYS D 225 11.49 3.13 32.71
C LYS D 225 11.38 4.65 32.74
N ARG D 226 11.03 5.19 33.91
CA ARG D 226 10.96 6.64 34.10
C ARG D 226 12.34 7.29 34.20
N GLU D 227 13.37 6.48 34.39
CA GLU D 227 14.73 6.96 34.54
C GLU D 227 15.62 6.66 33.30
N ILE D 228 14.99 6.34 32.17
CA ILE D 228 15.67 6.11 30.88
C ILE D 228 15.07 7.06 29.84
N LEU D 229 15.92 7.81 29.13
CA LEU D 229 15.54 8.68 28.02
C LEU D 229 16.05 8.11 26.70
N MSE D 230 15.15 7.95 25.73
CA MSE D 230 15.53 7.56 24.38
C MSE D 230 15.70 8.81 23.54
O MSE D 230 14.81 9.66 23.51
CB MSE D 230 14.45 6.67 23.75
CG MSE D 230 14.70 6.33 22.27
SE MSE D 230 16.32 5.24 21.96
CE MSE D 230 16.44 5.41 20.00
N VAL D 231 16.82 8.89 22.84
CA VAL D 231 17.14 10.05 22.01
C VAL D 231 17.29 9.65 20.55
N GLY D 232 16.53 10.25 19.65
CA GLY D 232 16.61 9.90 18.24
C GLY D 232 16.19 11.02 17.32
N ASP D 233 16.47 10.85 16.03
CA ASP D 233 16.10 11.81 14.99
C ASP D 233 14.94 11.37 14.09
N THR D 234 14.39 10.19 14.31
CA THR D 234 13.35 9.63 13.42
C THR D 234 12.11 9.18 14.20
N LEU D 235 10.95 9.68 13.78
CA LEU D 235 9.71 9.53 14.56
C LEU D 235 9.21 8.12 14.57
N HIS D 236 9.21 7.51 13.39
CA HIS D 236 8.61 6.19 13.18
C HIS D 236 9.46 5.00 13.67
N THR D 237 10.72 5.27 14.03
CA THR D 237 11.54 4.24 14.62
C THR D 237 11.91 4.59 16.07
N ASP D 238 12.70 5.64 16.26
CA ASP D 238 13.20 6.01 17.58
C ASP D 238 12.11 6.47 18.55
N ILE D 239 11.31 7.44 18.11
CA ILE D 239 10.36 8.11 19.01
C ILE D 239 9.17 7.21 19.26
N LEU D 240 8.66 6.61 18.18
CA LEU D 240 7.56 5.66 18.28
C LEU D 240 7.91 4.47 19.16
N GLY D 241 9.12 3.92 18.96
CA GLY D 241 9.55 2.73 19.67
C GLY D 241 9.75 3.04 21.12
N GLY D 242 10.46 4.14 21.37
CA GLY D 242 10.68 4.62 22.74
C GLY D 242 9.35 4.81 23.48
N ASN D 243 8.42 5.51 22.85
CA ASN D 243 7.14 5.76 23.49
C ASN D 243 6.35 4.47 23.79
N LYS D 244 6.24 3.56 22.82
CA LYS D 244 5.49 2.32 23.03
C LYS D 244 6.08 1.51 24.16
N PHE D 245 7.39 1.64 24.40
CA PHE D 245 8.05 0.82 25.44
C PHE D 245 7.91 1.46 26.82
N GLY D 246 7.32 2.64 26.87
CA GLY D 246 7.13 3.37 28.11
C GLY D 246 8.25 4.30 28.46
N LEU D 247 9.10 4.67 27.50
CA LEU D 247 10.20 5.62 27.79
C LEU D 247 9.87 7.05 27.44
N ASP D 248 10.45 7.99 28.19
CA ASP D 248 10.53 9.35 27.73
C ASP D 248 11.36 9.36 26.45
N THR D 249 10.93 10.19 25.51
CA THR D 249 11.67 10.36 24.27
C THR D 249 12.09 11.82 24.03
N ALA D 250 13.27 11.95 23.42
CA ALA D 250 13.76 13.26 22.97
C ALA D 250 14.03 13.19 21.47
N LEU D 251 13.32 14.01 20.72
CA LEU D 251 13.60 14.17 19.31
C LEU D 251 14.65 15.24 19.17
N VAL D 252 15.72 14.90 18.46
CA VAL D 252 16.77 15.90 18.13
C VAL D 252 16.63 16.26 16.66
N LEU D 253 17.17 17.41 16.28
CA LEU D 253 16.84 18.02 14.98
C LEU D 253 18.04 18.05 14.04
N THR D 254 19.05 17.28 14.37
CA THR D 254 20.28 17.18 13.61
C THR D 254 20.24 16.16 12.47
N GLY D 255 19.12 15.46 12.29
CA GLY D 255 19.07 14.31 11.38
C GLY D 255 17.84 14.31 10.47
N ASN D 256 17.08 13.20 10.48
CA ASN D 256 15.96 13.06 9.56
C ASN D 256 14.81 14.02 9.78
N THR D 257 14.64 14.56 10.99
CA THR D 257 13.55 15.51 11.28
C THR D 257 14.14 16.90 11.45
N ARG D 258 13.92 17.76 10.45
CA ARG D 258 14.47 19.11 10.45
C ARG D 258 13.55 20.04 11.22
N ILE D 259 14.10 21.12 11.75
CA ILE D 259 13.36 22.04 12.55
C ILE D 259 12.13 22.63 11.79
N ASP D 260 12.28 22.87 10.49
CA ASP D 260 11.19 23.39 9.66
C ASP D 260 10.05 22.41 9.44
N ASP D 261 10.31 21.11 9.63
CA ASP D 261 9.33 20.06 9.30
C ASP D 261 8.80 19.31 10.51
N ALA D 262 9.39 19.56 11.67
CA ALA D 262 9.10 18.82 12.87
C ALA D 262 7.61 18.83 13.19
N GLU D 263 7.05 20.04 13.21
CA GLU D 263 5.68 20.23 13.69
C GLU D 263 4.66 19.52 12.77
N THR D 264 4.91 19.63 11.47
CA THR D 264 4.10 19.00 10.44
C THR D 264 4.16 17.48 10.44
N LYS D 265 5.37 16.95 10.59
CA LYS D 265 5.62 15.50 10.71
C LYS D 265 5.04 14.91 11.98
N ILE D 266 5.22 15.59 13.10
CA ILE D 266 4.55 15.19 14.35
C ILE D 266 3.02 15.21 14.17
N LYS D 267 2.50 16.19 13.48
CA LYS D 267 1.07 16.31 13.32
C LYS D 267 0.49 15.22 12.43
N SER D 268 1.14 14.90 11.32
CA SER D 268 0.59 13.92 10.40
C SER D 268 0.70 12.49 10.96
N THR D 269 1.76 12.19 11.68
CA THR D 269 1.99 10.85 12.19
C THR D 269 1.24 10.63 13.50
N GLY D 270 1.09 11.70 14.26
CA GLY D 270 0.60 11.60 15.63
C GLY D 270 1.62 11.02 16.59
N ILE D 271 2.89 11.05 16.19
CA ILE D 271 3.96 10.51 16.99
C ILE D 271 4.60 11.67 17.74
N VAL D 272 4.33 11.76 19.05
CA VAL D 272 4.66 12.96 19.84
C VAL D 272 5.80 12.65 20.82
N PRO D 273 6.95 13.31 20.65
CA PRO D 273 8.02 13.11 21.60
C PRO D 273 7.75 13.83 22.93
N THR D 274 8.29 13.28 24.00
CA THR D 274 8.20 13.92 25.29
C THR D 274 8.90 15.26 25.20
N HIS D 275 10.04 15.30 24.52
CA HIS D 275 10.85 16.54 24.39
C HIS D 275 11.43 16.72 22.98
N ILE D 276 11.53 17.97 22.53
CA ILE D 276 12.24 18.31 21.29
C ILE D 276 13.45 19.21 21.62
N CYS D 277 14.60 18.85 21.06
CA CYS D 277 15.88 19.54 21.31
C CYS D 277 16.59 19.72 19.99
N GLU D 278 17.45 20.73 19.94
CA GLU D 278 18.15 20.99 18.71
C GLU D 278 19.17 19.89 18.40
N SER D 279 19.79 19.39 19.45
CA SER D 279 20.93 18.51 19.31
C SER D 279 21.22 17.82 20.64
N ALA D 280 21.82 16.64 20.52
CA ALA D 280 22.29 15.86 21.65
C ALA D 280 23.67 16.35 22.12
N VAL D 281 24.32 17.20 21.32
CA VAL D 281 25.57 17.86 21.71
C VAL D 281 25.31 18.92 22.78
N ILE D 282 25.84 18.68 23.99
CA ILE D 282 25.76 19.69 25.04
C ILE D 282 27.03 20.58 25.06
N GLU D 283 26.91 21.78 25.63
CA GLU D 283 28.01 22.73 25.79
C GLU D 283 28.78 22.53 27.10
N LEU D 284 30.11 22.59 26.98
CA LEU D 284 31.07 22.60 28.13
C LEU D 284 31.59 21.18 28.48
MG MG E . -12.02 19.17 -8.28
CL CL F . -0.79 6.85 -14.54
CL CL G . -16.60 17.52 -9.99
CL CL H . -10.20 0.27 -12.52
CL CL I . -13.28 8.53 -18.24
CL CL J . -15.37 21.84 -2.47
CL CL K . -5.73 -6.45 2.23
N1 EPE L . -17.94 14.81 -5.72
C2 EPE L . -19.39 14.72 -5.91
C3 EPE L . -20.10 15.46 -4.80
N4 EPE L . -19.87 14.82 -3.51
C5 EPE L . -18.64 14.01 -3.47
C6 EPE L . -17.49 14.53 -4.34
C7 EPE L . -19.94 15.82 -2.46
C8 EPE L . -21.38 16.32 -2.22
O8 EPE L . -21.50 17.70 -2.49
C9 EPE L . -17.28 13.99 -6.76
C10 EPE L . -16.34 14.86 -7.60
S EPE L . -14.60 14.68 -7.12
O1S EPE L . -14.05 16.04 -6.95
O2S EPE L . -13.87 13.98 -8.20
O3S EPE L . -14.41 13.96 -5.85
C1 EDO M . -9.65 -3.90 -10.48
O1 EDO M . -9.69 -2.48 -10.29
C2 EDO M . -11.01 -4.51 -10.17
O2 EDO M . -10.84 -5.66 -9.35
C1 EDO N . -24.42 15.37 0.06
O1 EDO N . -23.10 15.55 0.60
C2 EDO N . -24.42 14.20 -0.91
O2 EDO N . -23.30 13.32 -0.67
C1 EDO O . 2.43 10.38 -11.17
O1 EDO O . 2.76 10.80 -9.83
C2 EDO O . 1.04 9.72 -11.19
O2 EDO O . 1.07 8.30 -10.91
MG MG P . -6.59 -16.12 16.60
CL CL Q . 2.70 0.93 15.87
CL CL R . -7.80 -13.51 20.82
CL CL S . 2.66 -6.85 22.75
CL CL T . 8.67 -8.20 11.14
CL CL U . -3.32 8.30 2.22
N1 EPE V . -11.43 -9.92 18.68
C2 EPE V . -12.05 -9.74 20.01
C3 EPE V . -13.59 -9.85 20.05
N4 EPE V . -14.28 -9.68 18.78
C5 EPE V . -13.53 -8.80 17.89
C6 EPE V . -12.12 -9.26 17.53
C7 EPE V . -14.59 -10.97 18.17
C8 EPE V . -15.90 -11.56 18.70
C9 EPE V . -9.98 -9.61 18.75
C10 EPE V . -9.16 -10.90 18.59
S EPE V . -8.24 -11.03 17.03
O1S EPE V . -8.25 -12.43 16.60
O2S EPE V . -6.85 -10.60 17.24
O3S EPE V . -8.86 -10.26 15.95
C1 EDO W . -11.08 -13.63 25.04
O1 EDO W . -9.88 -14.10 25.67
C2 EDO W . -10.83 -12.99 23.68
O2 EDO W . -9.74 -12.04 23.75
C1 EDO X . 1.58 6.39 14.28
O1 EDO X . 1.86 7.09 13.07
C2 EDO X . 2.45 5.14 14.25
O2 EDO X . 2.33 4.47 12.99
C1 EDO Y . -22.67 0.09 15.69
O1 EDO Y . -23.77 0.79 15.08
C2 EDO Y . -23.24 -1.15 16.36
O2 EDO Y . -23.52 -0.87 17.73
C1 EDO Z . 5.10 -26.50 7.03
O1 EDO Z . 6.29 -25.83 7.48
C2 EDO Z . 5.33 -27.32 5.77
O2 EDO Z . 4.70 -26.69 4.63
C1 EDO AA . -17.49 16.25 30.00
O1 EDO AA . -16.06 16.38 29.88
C2 EDO AA . -17.87 15.45 31.23
O2 EDO AA . -18.63 14.30 30.82
MG MG BA . 0.02 -11.43 -21.44
CL CL CA . 3.02 -8.53 -24.50
CL CL DA . 19.92 3.10 -32.21
CL CL EA . 13.23 21.27 -10.18
N1 EPE FA . 7.69 -8.24 -21.40
C2 EPE FA . 7.62 -9.68 -21.06
C3 EPE FA . 8.89 -10.36 -21.62
N4 EPE FA . 9.85 -9.40 -22.19
C5 EPE FA . 9.25 -8.59 -23.25
C6 EPE FA . 7.87 -8.04 -22.85
C7 EPE FA . 11.12 -10.05 -22.58
C8 EPE FA . 11.13 -10.82 -23.91
O8 EPE FA . 11.74 -12.08 -23.75
C9 EPE FA . 6.65 -7.39 -20.78
C10 EPE FA . 5.28 -7.58 -21.41
S EPE FA . 3.92 -7.56 -20.19
O1S EPE FA . 3.12 -8.77 -20.39
O2S EPE FA . 3.12 -6.35 -20.45
O3S EPE FA . 4.38 -7.51 -18.78
C1 EDO GA . 5.31 -8.37 -27.07
O1 EDO GA . 6.60 -8.88 -26.76
C2 EDO GA . 5.31 -7.74 -28.45
O2 EDO GA . 5.21 -8.75 -29.48
C1 EDO HA . -7.43 5.86 -20.33
O1 EDO HA . -6.30 5.57 -19.53
C2 EDO HA . -8.70 5.02 -20.00
O2 EDO HA . -8.80 4.58 -18.67
C1 EDO IA . 25.49 5.43 -7.39
O1 EDO IA . 25.06 6.63 -8.10
C2 EDO IA . 26.25 5.63 -6.07
O2 EDO IA . 25.56 5.11 -4.91
C1 EDO JA . 13.73 23.53 -18.50
O1 EDO JA . 14.52 22.35 -18.25
C2 EDO JA . 14.17 24.17 -19.82
O2 EDO JA . 14.48 23.15 -20.81
C1 EDO KA . 18.50 21.93 -11.47
O1 EDO KA . 19.59 22.73 -11.97
C2 EDO KA . 17.25 22.06 -12.33
O2 EDO KA . 16.09 22.51 -11.61
MG MG LA . 18.83 8.18 13.25
CL CL MA . 22.07 4.21 13.73
N1 EPE NA . 22.70 2.30 8.43
C2 EPE NA . 23.78 3.11 9.02
C3 EPE NA . 25.02 2.92 8.17
N4 EPE NA . 24.86 3.59 6.90
C5 EPE NA . 23.50 3.48 6.32
C6 EPE NA . 22.41 2.63 7.00
C7 EPE NA . 25.92 3.08 6.00
C8 EPE NA . 26.82 4.15 5.44
O8 EPE NA . 27.06 5.15 6.40
C9 EPE NA . 21.50 2.23 9.30
C10 EPE NA . 21.07 3.60 9.80
S EPE NA . 19.28 3.72 10.09
O1S EPE NA . 19.08 5.01 10.76
O2S EPE NA . 18.86 2.58 10.92
O3S EPE NA . 18.59 3.68 8.78
C1 EDO OA . 25.20 -3.31 -10.32
O1 EDO OA . 25.57 -3.93 -9.09
C2 EDO OA . 24.07 -4.09 -10.94
O2 EDO OA . 23.97 -3.97 -12.38
C1 EDO PA . 3.66 -0.32 28.38
O1 EDO PA . 5.07 -0.16 28.59
C2 EDO PA . 3.15 0.74 27.41
O2 EDO PA . 3.83 1.98 27.68
#